data_5BP5
#
_entry.id   5BP5
#
_cell.length_a   105.868
_cell.length_b   118.928
_cell.length_c   162.197
_cell.angle_alpha   90.000
_cell.angle_beta   90.000
_cell.angle_gamma   90.000
#
_symmetry.space_group_name_H-M   'C 2 2 21'
#
loop_
_entity.id
_entity.type
_entity.pdbx_description
1 polymer HA-33
2 polymer HA-17
3 non-polymer '1-methylethyl 1-thio-beta-D-galactopyranoside'
4 water water
#
loop_
_entity_poly.entity_id
_entity_poly.type
_entity_poly.pdbx_seq_one_letter_code
_entity_poly.pdbx_strand_id
1 'polypeptide(L)'
;EHYSVIQNSLNDKIVTISCKADTNLFFYQVAGNVSLFQQTRNYLERWRLIYDSNKAAYKIKSMDIHNTNLVLTWNAPTHN
ISTQQDSNADNQYWLLLKDIGNNSFIIASYKNPNLVLYADTVARNLKLSTLNNSNYIKFIIEDYIISDLNNFTCKISPIL
DLNKVVQQVDVTNLNVNLYTWDYGRNQKWTIRYNEEKAAYQFFNTILSNGVLTWIFSNGNTVRVSSSNDQNNDAQYWLIN
PVSDTDETYTITNLRDTTKALDLYGGQTANGTAIQVFNYHGDDNQKWNIRNPPGSA
;
A,B
2 'polypeptide(L)'
;GPSVERTFLPNGNYNIKSIFSGSLYLNPVSKSLTFSNESSANNQKWNVEYMAENRCFKISNVAEPNKYLSYDNFGFISLD
SLSNRCYWFPIKIAVNTYIMLSLNKVNELDYAWDIYDTNENILSQPLLLLPNFDIYNSNQMFKLEKI
;
C
#
# COMPACT_ATOMS: atom_id res chain seq x y z
N ASN A 8 -2.73 8.51 -8.70
CA ASN A 8 -3.67 9.68 -8.71
C ASN A 8 -3.62 10.46 -7.38
N SER A 9 -3.68 9.73 -6.26
CA SER A 9 -3.48 10.33 -4.92
C SER A 9 -2.04 10.83 -4.75
N LEU A 10 -1.12 10.27 -5.52
CA LEU A 10 0.27 10.68 -5.48
C LEU A 10 0.65 11.54 -6.70
N ASN A 11 -0.21 11.57 -7.71
CA ASN A 11 0.10 12.29 -8.94
C ASN A 11 0.37 13.76 -8.67
N ASP A 12 1.47 14.27 -9.19
CA ASP A 12 1.85 15.69 -9.05
C ASP A 12 2.30 16.11 -7.64
N LYS A 13 2.34 15.17 -6.70
CA LYS A 13 2.84 15.47 -5.37
C LYS A 13 4.35 15.69 -5.39
N ILE A 14 4.82 16.66 -4.62
CA ILE A 14 6.23 16.89 -4.41
C ILE A 14 6.64 16.27 -3.09
N VAL A 15 7.67 15.42 -3.15
CA VAL A 15 8.01 14.52 -2.06
C VAL A 15 9.51 14.51 -1.80
N THR A 16 9.85 14.07 -0.59
CA THR A 16 11.22 13.58 -0.31
C THR A 16 11.15 12.07 -0.25
N ILE A 17 12.21 11.43 -0.74
CA ILE A 17 12.34 10.01 -0.64
C ILE A 17 13.57 9.69 0.22
N SER A 18 13.35 8.97 1.31
CA SER A 18 14.45 8.58 2.19
C SER A 18 14.47 7.08 2.48
N CYS A 19 15.55 6.61 3.08
CA CYS A 19 15.82 5.19 3.16
C CYS A 19 15.29 4.56 4.43
N LYS A 20 14.51 3.51 4.31
CA LYS A 20 14.04 2.81 5.49
C LYS A 20 15.24 2.22 6.28
N ALA A 21 16.36 1.97 5.60
CA ALA A 21 17.54 1.39 6.24
C ALA A 21 18.41 2.42 6.93
N ASP A 22 18.25 3.69 6.56
CA ASP A 22 18.92 4.78 7.20
C ASP A 22 18.11 6.03 6.94
N THR A 23 17.28 6.39 7.92
CA THR A 23 16.26 7.42 7.69
C THR A 23 16.87 8.81 7.68
N ASN A 24 18.19 8.90 7.85
CA ASN A 24 18.88 10.17 7.71
C ASN A 24 19.45 10.39 6.31
N LEU A 25 19.25 9.42 5.43
CA LEU A 25 19.71 9.54 4.04
C LEU A 25 18.55 9.72 3.08
N PHE A 26 18.69 10.74 2.22
CA PHE A 26 17.63 11.16 1.28
C PHE A 26 18.10 11.09 -0.18
N PHE A 27 17.19 10.86 -1.11
CA PHE A 27 17.53 10.88 -2.53
C PHE A 27 17.93 12.31 -2.88
N TYR A 28 19.15 12.47 -3.39
CA TYR A 28 19.78 13.76 -3.68
C TYR A 28 20.17 13.77 -5.15
N GLN A 29 19.92 14.88 -5.83
CA GLN A 29 20.12 15.02 -7.28
C GLN A 29 20.93 16.26 -7.61
N VAL A 30 21.94 16.10 -8.47
CA VAL A 30 22.68 17.21 -9.02
C VAL A 30 23.38 16.78 -10.31
N ALA A 31 23.14 17.54 -11.37
CA ALA A 31 23.78 17.37 -12.68
C ALA A 31 23.75 15.93 -13.20
N GLY A 32 22.64 15.25 -13.02
CA GLY A 32 22.46 13.93 -13.62
C GLY A 32 22.87 12.79 -12.70
N ASN A 33 23.37 13.14 -11.52
CA ASN A 33 23.83 12.15 -10.56
C ASN A 33 22.85 12.08 -9.41
N VAL A 34 22.55 10.86 -9.00
CA VAL A 34 21.68 10.60 -7.87
C VAL A 34 22.48 9.93 -6.75
N SER A 35 22.39 10.49 -5.56
CA SER A 35 23.15 9.98 -4.43
C SER A 35 22.28 9.98 -3.19
N LEU A 36 22.80 9.42 -2.11
CA LEU A 36 22.10 9.47 -0.84
C LEU A 36 22.82 10.44 0.08
N PHE A 37 22.10 11.48 0.52
CA PHE A 37 22.69 12.55 1.34
C PHE A 37 21.85 12.87 2.60
N GLN A 38 22.51 13.44 3.61
CA GLN A 38 21.79 13.99 4.77
C GLN A 38 20.65 14.94 4.33
N GLN A 39 19.72 15.19 5.23
CA GLN A 39 18.62 16.12 4.98
C GLN A 39 19.12 17.53 4.69
N THR A 40 18.64 18.11 3.59
CA THR A 40 18.96 19.49 3.22
C THR A 40 17.77 20.46 3.23
N ARG A 41 16.56 19.94 3.32
CA ARG A 41 15.34 20.75 3.32
C ARG A 41 15.30 21.70 2.14
N ASN A 42 15.60 21.20 0.94
CA ASN A 42 15.60 22.04 -0.24
C ASN A 42 15.43 21.26 -1.53
N TYR A 43 15.42 21.96 -2.66
CA TYR A 43 15.05 21.33 -3.95
C TYR A 43 15.94 20.14 -4.36
N LEU A 44 17.20 20.15 -3.92
CA LEU A 44 18.13 19.07 -4.23
C LEU A 44 17.60 17.69 -3.85
N GLU A 45 16.71 17.64 -2.86
CA GLU A 45 16.13 16.40 -2.37
C GLU A 45 14.61 16.32 -2.58
N ARG A 46 14.10 17.12 -3.52
CA ARG A 46 12.66 17.12 -3.81
C ARG A 46 12.39 16.55 -5.20
N TRP A 47 11.29 15.80 -5.27
CA TRP A 47 10.91 15.08 -6.48
C TRP A 47 9.41 15.21 -6.72
N ARG A 48 9.02 15.38 -7.98
CA ARG A 48 7.62 15.37 -8.35
C ARG A 48 7.27 13.99 -8.87
N LEU A 49 6.24 13.39 -8.28
CA LEU A 49 5.75 12.09 -8.76
C LEU A 49 4.74 12.34 -9.89
N ILE A 50 4.97 11.82 -11.08
CA ILE A 50 4.12 12.05 -12.25
C ILE A 50 3.49 10.76 -12.74
N TYR A 51 2.17 10.66 -12.57
CA TYR A 51 1.40 9.46 -12.91
C TYR A 51 1.07 9.32 -14.39
N ASP A 52 1.34 8.14 -14.94
CA ASP A 52 0.75 7.75 -16.22
C ASP A 52 -0.30 6.65 -15.98
N SER A 53 -1.55 6.99 -16.20
CA SER A 53 -2.67 6.07 -15.94
C SER A 53 -2.66 4.82 -16.83
N ASN A 54 -2.12 4.93 -18.03
CA ASN A 54 -2.09 3.80 -18.94
C ASN A 54 -1.08 2.76 -18.50
N LYS A 55 0.07 3.22 -18.02
CA LYS A 55 1.11 2.34 -17.51
C LYS A 55 0.92 1.99 -16.04
N ALA A 56 0.12 2.78 -15.33
CA ALA A 56 -0.05 2.63 -13.87
C ALA A 56 1.29 2.73 -13.16
N ALA A 57 2.08 3.70 -13.57
CA ALA A 57 3.38 3.90 -13.02
C ALA A 57 3.69 5.38 -13.03
N TYR A 58 4.82 5.69 -12.43
CA TYR A 58 5.16 7.05 -12.08
C TYR A 58 6.54 7.42 -12.59
N LYS A 59 6.67 8.65 -13.09
CA LYS A 59 7.97 9.26 -13.25
C LYS A 59 8.34 9.96 -11.97
N ILE A 60 9.63 10.00 -11.68
CA ILE A 60 10.13 10.59 -10.44
C ILE A 60 11.05 11.75 -10.85
N LYS A 61 10.47 12.93 -10.95
CA LYS A 61 11.13 14.06 -11.57
C LYS A 61 11.83 14.91 -10.54
N SER A 62 13.09 15.24 -10.82
CA SER A 62 13.87 16.09 -9.93
C SER A 62 13.41 17.54 -10.02
N MET A 63 13.35 18.19 -8.86
CA MET A 63 13.04 19.60 -8.77
C MET A 63 14.27 20.45 -8.91
N ASP A 64 15.29 19.97 -9.62
CA ASP A 64 16.45 20.80 -9.85
C ASP A 64 16.04 22.11 -10.52
N ILE A 65 16.61 23.20 -10.03
CA ILE A 65 16.26 24.54 -10.52
C ILE A 65 17.00 24.91 -11.79
N HIS A 66 18.13 24.26 -12.07
CA HIS A 66 18.88 24.54 -13.30
C HIS A 66 18.47 23.66 -14.50
N ASN A 67 18.54 22.34 -14.34
CA ASN A 67 18.11 21.39 -15.35
C ASN A 67 16.69 20.97 -14.99
N THR A 68 15.71 21.38 -15.79
CA THR A 68 14.30 21.26 -15.39
C THR A 68 13.55 20.07 -15.96
N ASN A 69 14.21 19.24 -16.75
CA ASN A 69 13.55 18.09 -17.36
C ASN A 69 14.22 16.74 -16.99
N LEU A 70 14.72 16.62 -15.76
CA LEU A 70 15.45 15.43 -15.32
C LEU A 70 14.63 14.49 -14.45
N VAL A 71 14.62 13.20 -14.80
CA VAL A 71 13.83 12.19 -14.09
C VAL A 71 14.63 10.95 -13.74
N LEU A 72 14.26 10.27 -12.67
CA LEU A 72 14.98 9.07 -12.22
C LEU A 72 14.97 8.00 -13.32
N THR A 73 16.14 7.49 -13.64
CA THR A 73 16.34 6.67 -14.83
C THR A 73 17.21 5.47 -14.53
N TRP A 74 16.75 4.30 -14.96
CA TRP A 74 17.52 3.07 -14.87
C TRP A 74 18.45 2.94 -16.08
N ASN A 75 19.76 2.89 -15.84
CA ASN A 75 20.75 2.78 -16.91
C ASN A 75 20.95 1.32 -17.40
N ALA A 76 19.87 0.73 -17.87
CA ALA A 76 19.92 -0.61 -18.45
C ALA A 76 20.94 -0.65 -19.56
N PRO A 77 21.68 -1.76 -19.70
CA PRO A 77 21.59 -3.01 -18.94
C PRO A 77 22.41 -3.06 -17.62
N THR A 78 23.02 -1.95 -17.19
CA THR A 78 23.71 -1.95 -15.90
C THR A 78 22.70 -1.91 -14.78
N HIS A 79 23.17 -2.01 -13.54
CA HIS A 79 22.30 -1.85 -12.39
C HIS A 79 22.28 -0.43 -11.85
N ASN A 80 22.90 0.50 -12.57
CA ASN A 80 23.02 1.90 -12.13
C ASN A 80 21.77 2.72 -12.34
N ILE A 81 21.70 3.78 -11.55
CA ILE A 81 20.58 4.72 -11.52
C ILE A 81 21.19 6.10 -11.74
N SER A 82 20.53 6.94 -12.52
CA SER A 82 20.95 8.31 -12.74
C SER A 82 19.70 9.16 -12.98
N THR A 83 19.90 10.45 -13.26
CA THR A 83 18.80 11.30 -13.73
C THR A 83 19.14 11.77 -15.13
N GLN A 84 18.22 11.54 -16.05
CA GLN A 84 18.40 11.86 -17.48
C GLN A 84 17.21 12.67 -17.99
N GLN A 85 17.38 13.32 -19.14
CA GLN A 85 16.28 14.06 -19.77
C GLN A 85 15.03 13.19 -19.95
N ASP A 86 13.88 13.69 -19.50
CA ASP A 86 12.61 13.00 -19.65
C ASP A 86 12.30 12.77 -21.13
N SER A 87 12.22 11.51 -21.55
CA SER A 87 11.67 11.15 -22.85
C SER A 87 10.52 10.15 -22.70
N ASN A 88 9.95 10.06 -21.51
CA ASN A 88 8.85 9.13 -21.23
C ASN A 88 9.16 7.64 -21.54
N ALA A 89 10.41 7.24 -21.37
CA ALA A 89 10.85 5.88 -21.63
C ALA A 89 10.45 4.96 -20.47
N ASP A 90 10.33 3.66 -20.75
CA ASP A 90 9.93 2.68 -19.73
C ASP A 90 10.91 2.61 -18.57
N ASN A 91 12.19 2.83 -18.86
CA ASN A 91 13.20 2.84 -17.81
C ASN A 91 13.19 4.13 -17.03
N GLN A 92 12.23 5.01 -17.35
CA GLN A 92 11.99 6.20 -16.56
C GLN A 92 10.69 6.11 -15.80
N TYR A 93 10.07 4.94 -15.82
CA TYR A 93 8.86 4.72 -15.03
C TYR A 93 9.05 3.70 -13.93
N TRP A 94 8.28 3.89 -12.88
CA TRP A 94 8.42 3.13 -11.63
C TRP A 94 7.07 2.80 -11.02
N LEU A 95 6.96 1.60 -10.48
CA LEU A 95 5.79 1.20 -9.71
C LEU A 95 6.04 1.55 -8.25
N LEU A 96 5.10 2.26 -7.63
CA LEU A 96 5.18 2.58 -6.21
C LEU A 96 4.29 1.62 -5.45
N LEU A 97 4.96 0.63 -4.87
CA LEU A 97 4.29 -0.43 -4.15
C LEU A 97 4.43 -0.16 -2.66
N LYS A 98 3.33 0.24 -2.03
CA LYS A 98 3.30 0.54 -0.60
C LYS A 98 3.19 -0.74 0.23
N ASP A 99 4.18 -0.92 1.09
CA ASP A 99 4.22 -2.05 1.99
C ASP A 99 3.37 -1.71 3.20
N ILE A 100 2.11 -2.10 3.14
CA ILE A 100 1.13 -1.74 4.16
C ILE A 100 1.53 -2.31 5.55
N GLY A 101 1.42 -1.48 6.57
CA GLY A 101 1.84 -1.85 7.92
C GLY A 101 3.30 -1.55 8.25
N ASN A 102 4.14 -1.39 7.23
CA ASN A 102 5.52 -0.98 7.37
C ASN A 102 5.71 0.50 7.02
N ASN A 103 4.67 1.11 6.48
CA ASN A 103 4.73 2.48 5.95
C ASN A 103 5.94 2.80 5.07
N SER A 104 6.30 1.87 4.21
CA SER A 104 7.43 2.04 3.33
C SER A 104 7.00 1.61 1.94
N PHE A 105 7.80 1.97 0.93
CA PHE A 105 7.57 1.61 -0.44
C PHE A 105 8.70 0.79 -1.00
N ILE A 106 8.34 -0.25 -1.71
CA ILE A 106 9.23 -0.85 -2.68
C ILE A 106 9.02 -0.11 -4.00
N ILE A 107 10.11 0.26 -4.67
CA ILE A 107 10.05 1.04 -5.90
C ILE A 107 10.63 0.21 -7.04
N ALA A 108 9.73 -0.39 -7.81
CA ALA A 108 10.10 -1.32 -8.87
C ALA A 108 10.16 -0.64 -10.25
N SER A 109 11.10 -1.05 -11.10
CA SER A 109 11.18 -0.54 -12.46
C SER A 109 9.99 -0.99 -13.28
N TYR A 110 9.34 -0.03 -13.94
CA TYR A 110 8.22 -0.38 -14.80
C TYR A 110 8.75 -1.23 -15.93
N LYS A 111 9.92 -0.87 -16.45
CA LYS A 111 10.55 -1.58 -17.57
C LYS A 111 10.77 -3.05 -17.23
N ASN A 112 11.24 -3.31 -16.03
CA ASN A 112 11.49 -4.67 -15.57
C ASN A 112 11.22 -4.79 -14.09
N PRO A 113 9.97 -5.14 -13.73
CA PRO A 113 9.58 -5.23 -12.31
C PRO A 113 10.31 -6.32 -11.49
N ASN A 114 11.11 -7.17 -12.13
CA ASN A 114 12.00 -8.08 -11.44
C ASN A 114 12.99 -7.27 -10.57
N LEU A 115 13.19 -6.01 -10.95
CA LEU A 115 14.19 -5.14 -10.37
C LEU A 115 13.60 -3.96 -9.61
N VAL A 116 14.14 -3.72 -8.42
CA VAL A 116 13.69 -2.66 -7.52
C VAL A 116 14.87 -1.80 -7.08
N LEU A 117 14.58 -0.59 -6.62
CA LEU A 117 15.62 0.31 -6.11
C LEU A 117 16.21 -0.27 -4.82
N TYR A 118 17.52 -0.15 -4.71
CA TYR A 118 18.30 -0.69 -3.57
C TYR A 118 19.24 0.39 -3.08
N ALA A 119 19.16 0.70 -1.80
CA ALA A 119 19.98 1.73 -1.19
C ALA A 119 21.30 1.15 -0.67
N ASP A 120 22.39 1.58 -1.30
CA ASP A 120 23.73 1.23 -0.85
C ASP A 120 24.19 2.34 0.09
N THR A 121 23.92 2.16 1.37
CA THR A 121 24.22 3.16 2.37
C THR A 121 25.71 3.36 2.59
N VAL A 122 26.54 2.49 1.99
CA VAL A 122 27.98 2.57 2.16
C VAL A 122 28.59 3.39 1.04
N ALA A 123 28.24 3.06 -0.19
CA ALA A 123 28.56 3.91 -1.32
C ALA A 123 27.72 5.22 -1.34
N ARG A 124 26.62 5.27 -0.58
CA ARG A 124 25.73 6.44 -0.60
C ARG A 124 25.13 6.65 -2.01
N ASN A 125 24.67 5.60 -2.63
CA ASN A 125 23.92 5.73 -3.88
C ASN A 125 22.91 4.60 -4.05
N LEU A 126 22.33 4.52 -5.24
CA LEU A 126 21.23 3.61 -5.52
C LEU A 126 21.61 2.71 -6.65
N LYS A 127 21.12 1.47 -6.57
CA LYS A 127 21.19 0.56 -7.69
C LYS A 127 19.90 -0.25 -7.78
N LEU A 128 19.81 -1.07 -8.81
CA LEU A 128 18.68 -1.97 -8.91
C LEU A 128 19.07 -3.32 -8.41
N SER A 129 18.10 -3.99 -7.81
CA SER A 129 18.32 -5.29 -7.21
C SER A 129 17.09 -6.15 -7.35
N THR A 130 17.29 -7.46 -7.32
CA THR A 130 16.18 -8.38 -7.13
C THR A 130 15.68 -8.18 -5.70
N LEU A 131 14.63 -8.88 -5.30
CA LEU A 131 13.97 -8.57 -4.03
C LEU A 131 14.51 -9.36 -2.86
N ASN A 132 14.34 -8.81 -1.67
CA ASN A 132 14.63 -9.50 -0.44
C ASN A 132 13.77 -8.89 0.66
N ASN A 133 14.00 -9.31 1.89
CA ASN A 133 13.25 -8.84 3.04
C ASN A 133 13.96 -7.81 3.86
N SER A 134 15.00 -7.19 3.28
CA SER A 134 15.78 -6.18 4.00
C SER A 134 15.18 -4.79 3.85
N ASN A 135 15.57 -3.90 4.75
CA ASN A 135 15.18 -2.50 4.65
C ASN A 135 15.83 -1.73 3.49
N TYR A 136 16.80 -2.34 2.81
CA TYR A 136 17.58 -1.64 1.78
C TYR A 136 16.80 -1.41 0.48
N ILE A 137 15.72 -2.16 0.30
CA ILE A 137 14.81 -1.94 -0.83
C ILE A 137 13.52 -1.21 -0.41
N LYS A 138 13.51 -0.69 0.81
CA LYS A 138 12.33 -0.01 1.33
C LYS A 138 12.60 1.48 1.52
N PHE A 139 11.65 2.31 1.08
CA PHE A 139 11.82 3.76 1.08
C PHE A 139 10.64 4.49 1.71
N ILE A 140 10.89 5.68 2.24
CA ILE A 140 9.88 6.47 2.91
C ILE A 140 9.63 7.64 1.96
N ILE A 141 8.41 7.70 1.42
CA ILE A 141 8.00 8.76 0.49
C ILE A 141 7.05 9.65 1.24
N GLU A 142 7.38 10.93 1.30
CA GLU A 142 6.73 11.84 2.20
C GLU A 142 6.60 13.19 1.55
N ASP A 143 5.44 13.82 1.74
CA ASP A 143 5.23 15.19 1.30
C ASP A 143 6.36 16.07 1.84
N TYR A 144 6.88 16.94 0.97
CA TYR A 144 8.12 17.63 1.26
C TYR A 144 8.02 18.60 2.43
N ILE A 145 6.85 19.19 2.61
CA ILE A 145 6.58 20.07 3.75
C ILE A 145 6.61 19.29 5.07
N ILE A 146 5.90 18.17 5.14
CA ILE A 146 5.93 17.33 6.34
C ILE A 146 7.36 16.88 6.62
N SER A 147 8.04 16.41 5.58
CA SER A 147 9.43 15.98 5.69
C SER A 147 10.30 17.11 6.26
N ASP A 148 10.19 18.30 5.69
CA ASP A 148 10.99 19.44 6.13
C ASP A 148 10.67 19.89 7.56
N LEU A 149 9.39 19.89 7.93
CA LEU A 149 8.96 20.49 9.18
C LEU A 149 8.90 19.51 10.34
N ASN A 150 8.81 18.21 10.06
CA ASN A 150 8.72 17.23 11.11
C ASN A 150 10.04 17.17 11.85
N ASN A 151 9.98 17.36 13.17
CA ASN A 151 11.19 17.38 14.03
C ASN A 151 12.15 18.52 13.69
N PHE A 152 11.61 19.61 13.18
CA PHE A 152 12.39 20.81 12.87
C PHE A 152 12.23 21.76 14.05
N THR A 153 13.35 22.13 14.65
CA THR A 153 13.37 23.19 15.64
C THR A 153 13.54 24.56 14.95
N CYS A 154 12.56 25.44 15.13
CA CYS A 154 12.52 26.68 14.39
C CYS A 154 12.26 27.88 15.27
N LYS A 155 12.43 29.07 14.67
CA LYS A 155 11.80 30.28 15.17
C LYS A 155 10.70 30.71 14.21
N ILE A 156 9.68 31.36 14.76
CA ILE A 156 8.53 31.83 13.99
C ILE A 156 8.47 33.35 14.06
N SER A 157 8.71 34.00 12.92
CA SER A 157 8.69 35.45 12.84
C SER A 157 7.52 35.93 11.96
N PRO A 158 6.83 36.99 12.40
CA PRO A 158 5.80 37.56 11.52
C PRO A 158 6.46 38.25 10.33
N ILE A 159 5.89 38.15 9.13
CA ILE A 159 6.53 38.75 7.94
C ILE A 159 6.52 40.28 7.94
N LEU A 160 5.73 40.89 8.84
CA LEU A 160 5.74 42.33 9.03
C LEU A 160 6.99 42.78 9.78
N ASP A 161 7.58 41.90 10.59
CA ASP A 161 8.88 42.17 11.22
C ASP A 161 9.68 40.89 11.48
N LEU A 162 10.56 40.59 10.53
CA LEU A 162 11.37 39.39 10.57
C LEU A 162 12.42 39.42 11.70
N ASN A 163 12.63 40.57 12.34
CA ASN A 163 13.49 40.64 13.53
C ASN A 163 12.78 40.21 14.81
N LYS A 164 11.46 40.07 14.77
CA LYS A 164 10.69 39.66 15.94
C LYS A 164 10.26 38.20 15.82
N VAL A 165 9.87 37.61 16.95
CA VAL A 165 9.51 36.20 17.01
C VAL A 165 8.36 35.94 17.96
N VAL A 166 7.66 34.84 17.71
CA VAL A 166 6.64 34.31 18.59
C VAL A 166 7.35 33.61 19.74
N GLN A 167 7.04 34.01 20.97
CA GLN A 167 7.68 33.45 22.13
C GLN A 167 6.70 33.13 23.25
N GLN A 168 7.05 32.11 24.01
CA GLN A 168 6.50 31.92 25.33
C GLN A 168 7.23 32.94 26.21
N VAL A 169 6.52 33.56 27.16
CA VAL A 169 7.09 34.66 27.95
C VAL A 169 8.25 34.17 28.82
N ASP A 170 8.01 33.11 29.58
CA ASP A 170 9.07 32.41 30.32
C ASP A 170 8.55 31.05 30.79
N VAL A 171 9.39 30.32 31.53
CA VAL A 171 9.07 28.94 31.92
C VAL A 171 7.72 28.79 32.62
N THR A 172 7.36 29.78 33.45
CA THR A 172 6.12 29.74 34.23
C THR A 172 4.98 30.61 33.69
N ASN A 173 5.31 31.64 32.90
CA ASN A 173 4.29 32.49 32.25
C ASN A 173 4.06 31.95 30.82
N LEU A 174 2.92 31.29 30.65
CA LEU A 174 2.65 30.52 29.43
C LEU A 174 2.03 31.34 28.30
N ASN A 175 1.79 32.63 28.52
CA ASN A 175 1.30 33.51 27.45
C ASN A 175 2.27 33.51 26.28
N VAL A 176 1.76 33.74 25.09
CA VAL A 176 2.63 33.84 23.92
C VAL A 176 2.50 35.22 23.29
N ASN A 177 3.62 35.90 23.13
CA ASN A 177 3.61 37.21 22.52
C ASN A 177 4.78 37.41 21.56
N LEU A 178 4.82 38.58 20.95
CA LEU A 178 5.84 38.90 19.95
C LEU A 178 7.00 39.59 20.64
N TYR A 179 8.21 39.23 20.26
CA TYR A 179 9.37 39.85 20.88
C TYR A 179 10.57 39.75 19.98
N THR A 180 11.45 40.74 20.12
CA THR A 180 12.73 40.71 19.44
C THR A 180 13.47 39.37 19.73
N TRP A 181 14.14 38.88 18.70
CA TRP A 181 14.81 37.61 18.75
C TRP A 181 16.03 37.73 19.66
N ASP A 182 16.09 36.96 20.74
CA ASP A 182 17.24 36.97 21.66
C ASP A 182 17.94 35.60 21.83
N TYR A 183 17.59 34.64 20.99
CA TYR A 183 18.12 33.25 21.03
C TYR A 183 17.70 32.41 22.25
N GLY A 184 16.81 32.92 23.09
CA GLY A 184 16.28 32.16 24.20
C GLY A 184 15.46 30.95 23.77
N ARG A 185 15.53 29.88 24.55
CA ARG A 185 14.83 28.63 24.25
C ARG A 185 13.32 28.82 24.30
N ASN A 186 12.87 29.77 25.12
CA ASN A 186 11.50 30.21 25.11
C ASN A 186 11.06 30.78 23.77
N GLN A 187 12.02 31.12 22.90
CA GLN A 187 11.72 31.64 21.56
C GLN A 187 11.91 30.59 20.46
N LYS A 188 12.00 29.33 20.85
CA LYS A 188 12.21 28.27 19.89
C LYS A 188 11.19 27.15 20.07
N TRP A 189 10.69 26.67 18.94
CA TRP A 189 9.67 25.64 18.93
C TRP A 189 10.11 24.47 18.04
N THR A 190 9.84 23.25 18.53
CA THR A 190 10.06 22.06 17.75
C THR A 190 8.72 21.55 17.18
N ILE A 191 8.65 21.46 15.87
CA ILE A 191 7.45 21.01 15.18
C ILE A 191 7.43 19.48 15.13
N ARG A 192 6.27 18.89 15.39
CA ARG A 192 6.07 17.44 15.33
C ARG A 192 4.79 17.15 14.60
N TYR A 193 4.88 16.28 13.60
CA TYR A 193 3.72 15.91 12.83
C TYR A 193 3.08 14.70 13.47
N ASN A 194 1.76 14.74 13.56
CA ASN A 194 1.00 13.61 14.09
C ASN A 194 0.22 12.95 12.93
N GLU A 195 0.66 11.77 12.52
CA GLU A 195 0.11 11.12 11.32
C GLU A 195 -1.35 10.68 11.47
N GLU A 196 -1.77 10.38 12.69
CA GLU A 196 -3.15 9.98 12.97
C GLU A 196 -4.11 11.16 12.81
N LYS A 197 -3.69 12.33 13.30
CA LYS A 197 -4.53 13.53 13.20
C LYS A 197 -4.26 14.36 11.95
N ALA A 198 -3.23 13.99 11.18
CA ALA A 198 -2.82 14.77 10.02
C ALA A 198 -2.69 16.27 10.34
N ALA A 199 -2.01 16.55 11.44
CA ALA A 199 -1.77 17.93 11.88
C ALA A 199 -0.52 17.99 12.77
N TYR A 200 -0.09 19.20 13.09
CA TYR A 200 1.18 19.42 13.77
C TYR A 200 1.00 20.02 15.16
N GLN A 201 1.99 19.82 16.02
CA GLN A 201 2.10 20.55 17.27
C GLN A 201 3.40 21.32 17.30
N PHE A 202 3.38 22.47 17.97
CA PHE A 202 4.57 23.28 18.16
C PHE A 202 4.96 23.15 19.62
N PHE A 203 6.08 22.49 19.90
CA PHE A 203 6.58 22.33 21.27
C PHE A 203 7.58 23.43 21.57
N ASN A 204 7.27 24.31 22.52
CA ASN A 204 8.25 25.28 23.02
C ASN A 204 9.40 24.58 23.70
N THR A 205 10.63 24.91 23.30
CA THR A 205 11.82 24.22 23.82
C THR A 205 12.25 24.59 25.26
N ILE A 206 11.56 25.56 25.88
CA ILE A 206 11.87 25.86 27.29
C ILE A 206 11.16 24.90 28.26
N LEU A 207 10.30 24.02 27.75
CA LEU A 207 9.55 23.05 28.55
C LEU A 207 9.58 21.70 27.85
N SER A 208 9.24 20.64 28.58
CA SER A 208 9.16 19.31 27.98
C SER A 208 7.89 19.11 27.15
N ASN A 209 6.72 19.41 27.71
CA ASN A 209 5.44 19.10 27.06
C ASN A 209 4.52 20.30 26.75
N GLY A 210 5.07 21.50 26.68
CA GLY A 210 4.25 22.68 26.42
C GLY A 210 4.05 22.91 24.94
N VAL A 211 2.80 22.89 24.47
CA VAL A 211 2.49 23.07 23.05
C VAL A 211 1.62 24.29 22.78
N LEU A 212 1.81 24.90 21.61
CA LEU A 212 1.01 26.04 21.17
C LEU A 212 -0.45 25.61 21.06
N THR A 213 -1.33 26.30 21.80
CA THR A 213 -2.72 25.89 21.91
C THR A 213 -3.65 27.10 21.88
N TRP A 214 -4.74 26.94 21.12
CA TRP A 214 -5.83 27.90 21.13
C TRP A 214 -6.71 27.67 22.34
N ILE A 215 -6.66 28.61 23.29
CA ILE A 215 -7.49 28.55 24.48
C ILE A 215 -8.92 28.98 24.11
N PHE A 216 -9.64 28.04 23.50
CA PHE A 216 -10.97 28.31 22.96
C PHE A 216 -12.02 28.62 24.03
N SER A 217 -11.76 28.26 25.29
CA SER A 217 -12.65 28.66 26.40
C SER A 217 -12.44 30.13 26.79
N ASN A 218 -11.65 30.86 26.00
CA ASN A 218 -11.41 32.29 26.23
C ASN A 218 -11.13 33.03 24.91
N GLY A 219 -12.17 33.13 24.07
CA GLY A 219 -12.08 33.88 22.81
C GLY A 219 -10.98 33.42 21.88
N ASN A 220 -10.15 34.37 21.44
CA ASN A 220 -9.05 34.11 20.49
C ASN A 220 -7.68 33.96 21.15
N THR A 221 -7.63 33.84 22.47
CA THR A 221 -6.34 33.78 23.15
C THR A 221 -5.62 32.47 22.81
N VAL A 222 -4.32 32.57 22.49
CA VAL A 222 -3.50 31.36 22.41
C VAL A 222 -2.40 31.41 23.45
N ARG A 223 -2.15 30.27 24.08
CA ARG A 223 -1.10 30.09 25.07
C ARG A 223 -0.47 28.73 24.84
N VAL A 224 0.60 28.42 25.56
CA VAL A 224 1.08 27.05 25.58
C VAL A 224 0.43 26.33 26.75
N SER A 225 0.14 25.06 26.56
CA SER A 225 -0.35 24.19 27.64
C SER A 225 0.23 22.79 27.45
N SER A 226 0.26 22.00 28.52
CA SER A 226 0.81 20.65 28.48
C SER A 226 0.13 19.76 27.43
N SER A 227 0.92 18.94 26.76
CA SER A 227 0.41 17.89 25.87
C SER A 227 0.01 16.63 26.64
N ASN A 228 0.16 16.64 27.97
CA ASN A 228 -0.42 15.61 28.84
C ASN A 228 -1.93 15.46 28.66
N ASP A 229 -2.58 16.51 28.13
CA ASP A 229 -3.98 16.45 27.67
C ASP A 229 -4.07 15.57 26.41
N GLN A 230 -4.93 14.57 26.46
CA GLN A 230 -4.96 13.52 25.44
C GLN A 230 -5.53 13.98 24.09
N ASN A 231 -6.84 14.29 24.08
CA ASN A 231 -7.56 14.53 22.83
C ASN A 231 -8.15 15.94 22.75
N ASN A 232 -7.27 16.93 22.59
CA ASN A 232 -7.70 18.31 22.36
C ASN A 232 -7.17 18.80 21.01
N ASP A 233 -8.06 18.84 20.01
CA ASP A 233 -7.72 19.32 18.66
C ASP A 233 -7.22 20.78 18.63
N ALA A 234 -7.54 21.53 19.68
CA ALA A 234 -7.04 22.90 19.85
C ALA A 234 -5.51 23.01 19.95
N GLN A 235 -4.84 21.90 20.27
CA GLN A 235 -3.39 21.86 20.35
C GLN A 235 -2.71 21.56 19.02
N TYR A 236 -3.49 21.32 17.98
CA TYR A 236 -2.92 20.89 16.71
C TYR A 236 -3.18 21.93 15.64
N TRP A 237 -2.34 21.90 14.61
CA TRP A 237 -2.36 22.94 13.59
C TRP A 237 -2.06 22.40 12.22
N LEU A 238 -2.65 23.03 11.21
CA LEU A 238 -2.28 22.79 9.83
C LEU A 238 -1.31 23.90 9.44
N ILE A 239 -0.26 23.52 8.73
CA ILE A 239 0.75 24.46 8.26
C ILE A 239 0.75 24.43 6.74
N ASN A 240 0.33 25.53 6.13
CA ASN A 240 0.17 25.60 4.67
C ASN A 240 1.13 26.61 4.08
N PRO A 241 1.92 26.19 3.07
CA PRO A 241 2.87 27.11 2.46
C PRO A 241 2.16 28.19 1.64
N VAL A 242 2.72 29.39 1.66
CA VAL A 242 2.32 30.44 0.76
C VAL A 242 3.19 30.28 -0.47
N SER A 243 2.57 30.23 -1.64
CA SER A 243 3.29 29.95 -2.88
C SER A 243 4.27 31.06 -3.23
N ASP A 244 5.22 30.75 -4.10
CA ASP A 244 6.36 31.62 -4.41
C ASP A 244 7.36 31.81 -3.25
N THR A 245 7.10 31.17 -2.11
CA THR A 245 7.99 31.33 -0.94
C THR A 245 8.53 29.98 -0.45
N ASP A 246 9.71 30.01 0.16
CA ASP A 246 10.33 28.80 0.72
C ASP A 246 10.13 28.68 2.24
N GLU A 247 9.82 29.77 2.91
CA GLU A 247 9.72 29.78 4.38
C GLU A 247 8.43 30.39 4.95
N THR A 248 7.49 30.77 4.11
CA THR A 248 6.28 31.48 4.57
C THR A 248 5.07 30.55 4.61
N TYR A 249 4.31 30.65 5.69
CA TYR A 249 3.17 29.78 5.92
C TYR A 249 2.02 30.49 6.59
N THR A 250 0.85 29.90 6.44
CA THR A 250 -0.31 30.21 7.25
C THR A 250 -0.53 29.03 8.17
N ILE A 251 -1.07 29.30 9.35
CA ILE A 251 -1.14 28.32 10.43
C ILE A 251 -2.54 28.33 11.02
N THR A 252 -3.29 27.28 10.68
CA THR A 252 -4.70 27.17 11.06
C THR A 252 -4.91 26.06 12.10
N ASN A 253 -5.97 26.21 12.89
CA ASN A 253 -6.19 25.32 14.02
C ASN A 253 -7.02 24.11 13.64
N LEU A 254 -6.58 22.93 14.08
CA LEU A 254 -7.28 21.68 13.77
C LEU A 254 -8.72 21.63 14.31
N ARG A 255 -8.97 22.24 15.47
CA ARG A 255 -10.33 22.30 16.02
C ARG A 255 -11.30 22.97 15.05
N ASP A 256 -10.89 24.11 14.52
CA ASP A 256 -11.69 24.91 13.59
C ASP A 256 -10.75 25.58 12.60
N THR A 257 -10.62 25.01 11.42
CA THR A 257 -9.64 25.46 10.42
C THR A 257 -9.90 26.88 9.87
N THR A 258 -11.02 27.50 10.25
CA THR A 258 -11.28 28.90 9.89
C THR A 258 -10.49 29.87 10.77
N LYS A 259 -9.80 29.36 11.79
CA LYS A 259 -9.07 30.19 12.73
C LYS A 259 -7.59 30.11 12.43
N ALA A 260 -6.95 31.27 12.25
CA ALA A 260 -5.54 31.34 11.86
C ALA A 260 -4.69 31.96 12.96
N LEU A 261 -3.44 31.54 13.02
CA LEU A 261 -2.49 32.23 13.90
C LEU A 261 -2.37 33.66 13.37
N ASP A 262 -2.54 34.61 14.29
CA ASP A 262 -2.76 36.01 13.93
C ASP A 262 -2.00 36.94 14.88
N LEU A 263 -1.19 37.82 14.29
CA LEU A 263 -0.52 38.88 15.01
C LEU A 263 -1.52 40.02 15.23
N TYR A 264 -1.74 40.35 16.50
CA TYR A 264 -2.79 41.26 16.90
C TYR A 264 -2.62 42.64 16.26
N GLY A 265 -3.60 43.00 15.43
CA GLY A 265 -3.65 44.32 14.81
C GLY A 265 -2.58 44.60 13.77
N GLY A 266 -1.81 43.59 13.39
CA GLY A 266 -0.61 43.81 12.60
C GLY A 266 0.44 44.67 13.32
N GLN A 267 0.37 44.73 14.66
CA GLN A 267 1.29 45.55 15.44
C GLN A 267 2.55 44.73 15.64
N THR A 268 3.69 45.40 15.49
CA THR A 268 4.98 44.74 15.52
C THR A 268 5.79 45.13 16.76
N ALA A 269 5.13 45.82 17.69
CA ALA A 269 5.77 46.21 18.94
C ALA A 269 6.01 45.00 19.83
N ASN A 270 7.09 45.05 20.61
CA ASN A 270 7.32 44.07 21.67
C ASN A 270 6.12 43.95 22.59
N GLY A 271 5.65 42.73 22.83
CA GLY A 271 4.48 42.49 23.68
C GLY A 271 3.15 42.35 22.94
N THR A 272 3.11 42.69 21.66
CA THR A 272 1.88 42.50 20.87
C THR A 272 1.42 41.05 21.03
N ALA A 273 0.12 40.87 21.21
CA ALA A 273 -0.47 39.55 21.42
C ALA A 273 -0.43 38.67 20.17
N ILE A 274 -0.13 37.39 20.38
CA ILE A 274 -0.32 36.38 19.35
C ILE A 274 -1.64 35.66 19.67
N GLN A 275 -2.52 35.57 18.69
CA GLN A 275 -3.85 35.01 18.90
C GLN A 275 -4.26 34.12 17.73
N VAL A 276 -5.48 33.61 17.79
CA VAL A 276 -6.14 33.09 16.60
C VAL A 276 -7.13 34.14 16.11
N PHE A 277 -7.56 34.03 14.85
CA PHE A 277 -8.55 34.96 14.29
C PHE A 277 -9.08 34.40 12.97
N ASN A 278 -10.31 34.75 12.62
CA ASN A 278 -10.92 34.33 11.34
C ASN A 278 -9.90 34.48 10.17
N TYR A 279 -9.73 33.43 9.38
CA TYR A 279 -8.73 33.43 8.31
C TYR A 279 -9.09 34.37 7.16
N HIS A 280 -8.23 35.36 6.92
CA HIS A 280 -8.36 36.25 5.76
C HIS A 280 -7.11 36.29 4.86
N GLY A 281 -6.01 35.70 5.31
CA GLY A 281 -4.79 35.64 4.51
C GLY A 281 -4.05 36.95 4.28
N ASP A 282 -4.30 37.94 5.13
CA ASP A 282 -3.51 39.17 5.11
C ASP A 282 -2.13 38.88 5.72
N ASP A 283 -1.26 39.87 5.67
CA ASP A 283 0.14 39.68 6.05
C ASP A 283 0.33 39.34 7.53
N ASN A 284 -0.59 39.77 8.40
CA ASN A 284 -0.49 39.46 9.83
C ASN A 284 -1.00 38.06 10.19
N GLN A 285 -1.31 37.25 9.18
CA GLN A 285 -1.57 35.83 9.36
C GLN A 285 -0.55 35.01 8.56
N LYS A 286 0.61 35.61 8.28
CA LYS A 286 1.70 34.93 7.57
C LYS A 286 2.99 34.91 8.39
N TRP A 287 3.58 33.72 8.46
CA TRP A 287 4.67 33.44 9.36
C TRP A 287 5.81 32.77 8.61
N ASN A 288 7.01 33.30 8.81
CA ASN A 288 8.20 32.62 8.35
C ASN A 288 8.69 31.65 9.44
N ILE A 289 8.73 30.37 9.09
CA ILE A 289 9.28 29.34 9.94
C ILE A 289 10.71 29.10 9.47
N ARG A 290 11.66 29.36 10.37
CA ARG A 290 13.06 29.47 9.99
C ARG A 290 13.95 28.69 10.92
N ASN A 291 15.08 28.25 10.39
CA ASN A 291 16.18 27.73 11.17
C ASN A 291 16.70 28.82 12.10
N PRO A 292 16.97 28.51 13.37
CA PRO A 292 17.64 29.52 14.19
C PRO A 292 19.07 29.74 13.69
N PRO A 293 19.50 31.01 13.53
CA PRO A 293 20.91 31.22 13.16
C PRO A 293 21.87 30.61 14.18
N VAL B 4 35.82 -35.30 -27.39
CA VAL B 4 36.95 -34.36 -27.44
C VAL B 4 36.51 -32.99 -26.90
N GLU B 5 37.41 -32.32 -26.20
CA GLU B 5 37.07 -31.11 -25.45
C GLU B 5 37.19 -29.86 -26.31
N ARG B 6 36.10 -29.09 -26.37
CA ARG B 6 36.02 -27.88 -27.17
C ARG B 6 36.06 -26.64 -26.29
N THR B 7 36.01 -26.83 -24.98
CA THR B 7 35.70 -25.74 -24.07
C THR B 7 36.25 -26.01 -22.65
N PHE B 8 35.87 -25.15 -21.72
CA PHE B 8 36.43 -25.11 -20.36
C PHE B 8 35.72 -26.05 -19.39
N LEU B 9 34.79 -26.85 -19.92
CA LEU B 9 33.83 -27.61 -19.12
C LEU B 9 33.48 -28.88 -19.91
N PRO B 10 34.15 -29.99 -19.58
CA PRO B 10 33.98 -31.26 -20.31
C PRO B 10 32.54 -31.78 -20.36
N ASN B 11 32.22 -32.50 -21.42
CA ASN B 11 30.94 -33.20 -21.49
C ASN B 11 30.85 -34.33 -20.44
N GLY B 12 29.64 -34.60 -19.97
CA GLY B 12 29.40 -35.74 -19.10
C GLY B 12 28.44 -35.45 -17.97
N ASN B 13 28.49 -36.31 -16.97
CA ASN B 13 27.57 -36.28 -15.85
C ASN B 13 28.11 -35.48 -14.67
N TYR B 14 27.26 -34.64 -14.10
CA TYR B 14 27.61 -33.73 -13.00
C TYR B 14 26.55 -33.71 -11.90
N ASN B 15 26.99 -33.40 -10.67
CA ASN B 15 26.10 -33.01 -9.60
C ASN B 15 26.13 -31.50 -9.62
N ILE B 16 25.01 -30.86 -9.30
CA ILE B 16 24.96 -29.42 -9.28
C ILE B 16 24.59 -28.91 -7.90
N LYS B 17 25.33 -27.90 -7.44
CA LYS B 17 25.22 -27.41 -6.09
C LYS B 17 25.28 -25.91 -6.06
N SER B 18 24.58 -25.33 -5.09
CA SER B 18 24.75 -23.93 -4.70
C SER B 18 25.98 -23.79 -3.81
N ILE B 19 26.69 -22.67 -3.93
CA ILE B 19 27.80 -22.41 -3.01
C ILE B 19 27.36 -22.27 -1.55
N PHE B 20 26.07 -22.07 -1.30
CA PHE B 20 25.58 -22.06 0.10
C PHE B 20 25.62 -23.43 0.80
N SER B 21 25.88 -24.50 0.05
CA SER B 21 25.85 -25.85 0.65
C SER B 21 26.56 -26.92 -0.18
N GLY B 22 27.49 -27.62 0.47
CA GLY B 22 28.13 -28.76 -0.13
C GLY B 22 27.34 -30.05 -0.01
N SER B 23 26.27 -30.04 0.79
CA SER B 23 25.45 -31.23 1.02
C SER B 23 24.08 -31.21 0.35
N LEU B 24 23.78 -30.19 -0.46
CA LEU B 24 22.49 -30.13 -1.14
C LEU B 24 22.67 -30.16 -2.66
N TYR B 25 21.75 -30.85 -3.34
CA TYR B 25 21.95 -31.26 -4.72
C TYR B 25 20.74 -30.93 -5.55
N LEU B 26 21.00 -30.40 -6.75
CA LEU B 26 19.94 -30.06 -7.68
C LEU B 26 19.17 -31.29 -8.15
N ASN B 27 17.84 -31.26 -7.93
CA ASN B 27 16.92 -32.24 -8.51
C ASN B 27 15.53 -31.65 -8.71
N PRO B 28 14.72 -32.27 -9.59
CA PRO B 28 13.34 -31.86 -9.75
C PRO B 28 12.45 -32.34 -8.60
N VAL B 29 11.60 -31.45 -8.11
CA VAL B 29 10.53 -31.79 -7.20
C VAL B 29 9.26 -31.22 -7.86
N SER B 30 8.31 -32.09 -8.19
CA SER B 30 7.20 -31.73 -9.08
C SER B 30 7.80 -31.04 -10.32
N LYS B 31 7.31 -29.86 -10.66
CA LYS B 31 7.79 -29.16 -11.85
C LYS B 31 8.87 -28.13 -11.54
N SER B 32 9.19 -27.93 -10.27
CA SER B 32 10.27 -27.03 -9.91
C SER B 32 11.60 -27.75 -9.85
N LEU B 33 12.67 -26.95 -9.78
CA LEU B 33 14.01 -27.45 -9.46
C LEU B 33 14.41 -26.93 -8.09
N THR B 34 15.07 -27.78 -7.31
CA THR B 34 15.47 -27.44 -5.96
C THR B 34 16.71 -28.23 -5.54
N PHE B 35 17.32 -27.79 -4.46
CA PHE B 35 18.51 -28.45 -3.90
C PHE B 35 18.12 -29.30 -2.69
N SER B 36 18.29 -30.62 -2.80
CA SER B 36 17.83 -31.56 -1.77
C SER B 36 18.96 -32.41 -1.21
N ASN B 37 18.68 -33.10 -0.11
CA ASN B 37 19.68 -34.00 0.49
C ASN B 37 20.18 -35.04 -0.49
N GLU B 38 21.40 -35.50 -0.27
CA GLU B 38 22.04 -36.45 -1.17
C GLU B 38 21.16 -37.69 -1.27
N SER B 39 20.78 -38.06 -2.49
CA SER B 39 19.94 -39.24 -2.71
C SER B 39 20.69 -40.39 -3.37
N SER B 40 21.89 -40.12 -3.90
CA SER B 40 22.67 -41.10 -4.69
C SER B 40 21.92 -41.69 -5.90
N ALA B 41 20.85 -41.00 -6.33
CA ALA B 41 19.99 -41.47 -7.43
C ALA B 41 20.16 -40.61 -8.68
N ASN B 42 19.64 -41.09 -9.80
CA ASN B 42 19.86 -40.47 -11.11
C ASN B 42 19.21 -39.10 -11.29
N ASN B 43 18.24 -38.75 -10.45
CA ASN B 43 17.57 -37.46 -10.56
C ASN B 43 18.47 -36.32 -10.06
N GLN B 44 19.56 -36.67 -9.37
CA GLN B 44 20.57 -35.69 -8.99
C GLN B 44 21.81 -35.71 -9.91
N LYS B 45 21.70 -36.42 -11.03
CA LYS B 45 22.78 -36.49 -12.00
C LYS B 45 22.37 -35.75 -13.28
N TRP B 46 23.27 -34.90 -13.75
CA TRP B 46 22.96 -34.01 -14.84
C TRP B 46 23.98 -34.17 -15.96
N ASN B 47 23.49 -34.46 -17.16
CA ASN B 47 24.34 -34.65 -18.31
C ASN B 47 24.55 -33.30 -19.01
N VAL B 48 25.80 -32.84 -19.00
CA VAL B 48 26.18 -31.59 -19.60
C VAL B 48 26.78 -31.85 -20.96
N GLU B 49 26.30 -31.13 -21.97
CA GLU B 49 26.66 -31.41 -23.37
C GLU B 49 26.88 -30.10 -24.15
N TYR B 50 28.06 -29.97 -24.75
CA TYR B 50 28.43 -28.75 -25.46
C TYR B 50 27.77 -28.75 -26.84
N MET B 51 27.13 -27.65 -27.21
CA MET B 51 26.59 -27.46 -28.56
C MET B 51 27.50 -26.45 -29.29
N ALA B 52 28.25 -26.92 -30.28
CA ALA B 52 29.31 -26.11 -30.90
C ALA B 52 28.76 -24.99 -31.77
N GLU B 53 27.64 -25.24 -32.44
CA GLU B 53 27.08 -24.28 -33.39
C GLU B 53 26.91 -22.89 -32.76
N ASN B 54 26.38 -22.86 -31.54
CA ASN B 54 26.10 -21.62 -30.83
C ASN B 54 26.87 -21.49 -29.50
N ARG B 55 27.87 -22.34 -29.28
CA ARG B 55 28.81 -22.23 -28.14
C ARG B 55 28.13 -22.23 -26.76
N CYS B 56 27.07 -23.01 -26.60
CA CYS B 56 26.32 -23.10 -25.36
C CYS B 56 26.28 -24.54 -24.88
N PHE B 57 25.69 -24.75 -23.71
CA PHE B 57 25.57 -26.08 -23.14
C PHE B 57 24.13 -26.48 -22.90
N LYS B 58 23.83 -27.75 -23.16
CA LYS B 58 22.55 -28.35 -22.82
C LYS B 58 22.74 -29.25 -21.60
N ILE B 59 21.79 -29.21 -20.69
CA ILE B 59 21.90 -29.95 -19.44
C ILE B 59 20.61 -30.73 -19.22
N SER B 60 20.71 -32.05 -19.35
CA SER B 60 19.58 -32.95 -19.20
C SER B 60 19.72 -33.80 -17.94
N ASN B 61 18.58 -34.23 -17.42
CA ASN B 61 18.53 -35.05 -16.21
C ASN B 61 18.66 -36.50 -16.62
N VAL B 62 19.55 -37.23 -15.95
CA VAL B 62 19.84 -38.60 -16.42
C VAL B 62 18.69 -39.57 -16.10
N ALA B 63 17.90 -39.31 -15.06
CA ALA B 63 16.67 -40.09 -14.82
C ALA B 63 15.58 -39.78 -15.86
N GLU B 64 15.66 -38.62 -16.50
CA GLU B 64 14.71 -38.25 -17.55
C GLU B 64 15.47 -37.64 -18.72
N PRO B 65 16.17 -38.49 -19.51
CA PRO B 65 17.21 -38.08 -20.48
C PRO B 65 16.75 -37.16 -21.61
N ASN B 66 15.45 -37.11 -21.89
CA ASN B 66 14.91 -36.21 -22.91
C ASN B 66 14.32 -34.93 -22.34
N LYS B 67 14.50 -34.71 -21.04
CA LYS B 67 14.17 -33.42 -20.42
C LYS B 67 15.44 -32.61 -20.14
N TYR B 68 15.37 -31.32 -20.42
CA TYR B 68 16.51 -30.40 -20.25
C TYR B 68 16.16 -29.26 -19.31
N LEU B 69 17.17 -28.75 -18.62
CA LEU B 69 16.99 -27.52 -17.84
C LEU B 69 16.61 -26.38 -18.78
N SER B 70 15.49 -25.74 -18.45
CA SER B 70 14.90 -24.72 -19.26
C SER B 70 14.31 -23.67 -18.33
N TYR B 71 13.48 -22.78 -18.87
CA TYR B 71 12.78 -21.82 -18.05
C TYR B 71 11.39 -21.58 -18.59
N ASP B 72 10.48 -21.23 -17.69
CA ASP B 72 9.08 -21.03 -18.01
C ASP B 72 8.78 -19.52 -18.05
N ASN B 73 7.53 -19.16 -18.28
CA ASN B 73 7.11 -17.74 -18.35
C ASN B 73 6.74 -17.14 -16.99
N PHE B 74 7.20 -17.75 -15.90
CA PHE B 74 6.87 -17.30 -14.55
C PHE B 74 8.11 -17.05 -13.69
N GLY B 75 9.29 -17.19 -14.30
CA GLY B 75 10.55 -16.89 -13.66
C GLY B 75 11.25 -18.12 -13.09
N PHE B 76 10.64 -19.30 -13.23
CA PHE B 76 11.22 -20.52 -12.71
C PHE B 76 12.09 -21.26 -13.74
N ILE B 77 13.18 -21.86 -13.28
CA ILE B 77 13.85 -22.91 -14.04
C ILE B 77 12.91 -24.12 -14.09
N SER B 78 13.00 -24.88 -15.18
CA SER B 78 12.08 -25.97 -15.45
C SER B 78 12.83 -27.11 -16.12
N LEU B 79 12.20 -28.27 -16.14
CA LEU B 79 12.64 -29.42 -16.91
C LEU B 79 11.67 -29.62 -18.07
N ASP B 80 12.15 -29.48 -19.30
CA ASP B 80 11.27 -29.39 -20.47
C ASP B 80 11.88 -30.08 -21.67
N SER B 81 11.08 -30.17 -22.73
CA SER B 81 11.55 -30.58 -24.05
C SER B 81 12.58 -29.60 -24.60
N LEU B 82 13.44 -30.11 -25.48
CA LEU B 82 14.41 -29.26 -26.15
C LEU B 82 13.77 -28.04 -26.85
N SER B 83 14.35 -26.88 -26.60
CA SER B 83 14.00 -25.62 -27.25
C SER B 83 15.16 -24.66 -27.01
N ASN B 84 15.12 -23.47 -27.60
CA ASN B 84 16.22 -22.51 -27.43
C ASN B 84 16.38 -22.02 -25.99
N ARG B 85 15.35 -22.23 -25.16
CA ARG B 85 15.42 -21.96 -23.73
C ARG B 85 16.28 -22.95 -22.94
N CYS B 86 16.69 -24.04 -23.59
CA CYS B 86 17.55 -25.04 -22.92
C CYS B 86 19.06 -24.77 -23.10
N TYR B 87 19.42 -23.64 -23.70
CA TYR B 87 20.81 -23.31 -23.99
C TYR B 87 21.39 -22.46 -22.87
N TRP B 88 22.50 -22.92 -22.31
CA TRP B 88 23.09 -22.21 -21.18
C TRP B 88 24.49 -21.78 -21.50
N PHE B 89 24.82 -20.57 -21.05
CA PHE B 89 26.12 -19.92 -21.29
C PHE B 89 26.80 -19.71 -19.93
N PRO B 90 27.69 -20.64 -19.55
CA PRO B 90 28.32 -20.53 -18.26
C PRO B 90 29.46 -19.50 -18.24
N ILE B 91 29.69 -18.91 -17.07
CA ILE B 91 30.84 -18.07 -16.82
C ILE B 91 31.63 -18.70 -15.67
N LYS B 92 32.77 -19.24 -16.00
CA LYS B 92 33.57 -19.93 -15.01
C LYS B 92 34.31 -18.88 -14.20
N ILE B 93 34.00 -18.82 -12.90
CA ILE B 93 34.59 -17.83 -12.01
C ILE B 93 35.53 -18.45 -10.99
N ALA B 94 35.59 -19.77 -10.93
CA ALA B 94 36.58 -20.48 -10.10
C ALA B 94 36.65 -21.95 -10.54
N VAL B 95 37.45 -22.75 -9.84
CA VAL B 95 37.74 -24.14 -10.22
C VAL B 95 36.52 -24.94 -10.70
N ASN B 96 35.45 -24.90 -9.90
CA ASN B 96 34.22 -25.64 -10.19
C ASN B 96 32.98 -24.76 -10.10
N THR B 97 33.19 -23.44 -10.04
CA THR B 97 32.12 -22.48 -9.72
C THR B 97 31.75 -21.68 -10.97
N TYR B 98 30.46 -21.63 -11.25
CA TYR B 98 29.97 -21.02 -12.49
C TYR B 98 28.79 -20.13 -12.22
N ILE B 99 28.64 -19.11 -13.06
CA ILE B 99 27.38 -18.41 -13.25
C ILE B 99 26.76 -18.92 -14.54
N MET B 100 25.46 -19.19 -14.52
CA MET B 100 24.80 -19.83 -15.62
C MET B 100 23.78 -18.85 -16.25
N LEU B 101 24.16 -18.24 -17.36
CA LEU B 101 23.26 -17.34 -18.07
C LEU B 101 22.45 -18.10 -19.12
N SER B 102 21.21 -17.69 -19.30
CA SER B 102 20.49 -18.10 -20.49
C SER B 102 21.30 -17.61 -21.68
N LEU B 103 21.37 -18.43 -22.73
CA LEU B 103 22.08 -18.01 -23.95
C LEU B 103 21.45 -16.72 -24.47
N ASN B 104 20.12 -16.70 -24.51
CA ASN B 104 19.39 -15.57 -25.05
C ASN B 104 19.22 -14.46 -24.02
N LYS B 105 19.30 -13.22 -24.49
CA LYS B 105 18.93 -12.09 -23.69
C LYS B 105 17.46 -12.28 -23.33
N VAL B 106 17.14 -11.99 -22.07
CA VAL B 106 15.77 -12.02 -21.63
C VAL B 106 15.45 -10.63 -21.15
N ASN B 107 14.36 -10.07 -21.67
CA ASN B 107 13.97 -8.71 -21.34
C ASN B 107 15.13 -7.76 -21.61
N GLU B 108 15.85 -8.06 -22.70
CA GLU B 108 17.08 -7.39 -23.11
C GLU B 108 18.15 -7.22 -22.02
N LEU B 109 18.24 -8.18 -21.10
CA LEU B 109 19.33 -8.31 -20.13
C LEU B 109 19.87 -9.73 -20.10
N ASP B 110 21.06 -9.90 -19.55
CA ASP B 110 21.51 -11.21 -19.19
C ASP B 110 20.60 -11.66 -18.03
N TYR B 111 20.08 -12.90 -18.13
CA TYR B 111 19.43 -13.55 -16.99
C TYR B 111 20.19 -14.84 -16.61
N ALA B 112 20.08 -15.21 -15.34
CA ALA B 112 20.89 -16.29 -14.80
C ALA B 112 20.16 -17.12 -13.76
N TRP B 113 20.63 -18.36 -13.56
CA TRP B 113 20.10 -19.17 -12.47
C TRP B 113 20.26 -18.36 -11.20
N ASP B 114 19.29 -18.46 -10.31
CA ASP B 114 19.30 -17.68 -9.08
C ASP B 114 18.53 -18.45 -8.02
N ILE B 115 19.19 -18.67 -6.89
CA ILE B 115 18.58 -19.39 -5.77
C ILE B 115 18.57 -18.45 -4.57
N TYR B 116 17.39 -18.17 -4.02
CA TYR B 116 17.24 -17.22 -2.93
C TYR B 116 17.70 -17.90 -1.65
N ASP B 117 18.36 -17.14 -0.77
CA ASP B 117 18.80 -17.66 0.52
C ASP B 117 18.23 -16.82 1.65
N THR B 118 18.14 -17.46 2.82
CA THR B 118 17.82 -16.77 4.08
C THR B 118 18.96 -17.11 5.02
N ASN B 119 19.84 -16.14 5.24
CA ASN B 119 21.03 -16.34 6.05
C ASN B 119 21.73 -17.61 5.66
N GLU B 120 21.93 -17.78 4.36
CA GLU B 120 22.65 -18.91 3.77
C GLU B 120 21.88 -20.22 3.71
N ASN B 121 20.63 -20.24 4.16
CA ASN B 121 19.75 -21.38 4.02
C ASN B 121 18.96 -21.32 2.70
N ILE B 122 19.04 -22.38 1.89
CA ILE B 122 18.28 -22.49 0.66
C ILE B 122 17.21 -23.60 0.64
N LEU B 123 16.98 -24.26 1.78
CA LEU B 123 16.09 -25.41 1.77
C LEU B 123 14.70 -25.03 1.25
N SER B 124 14.18 -25.85 0.33
CA SER B 124 12.85 -25.70 -0.24
C SER B 124 12.71 -24.56 -1.25
N GLN B 125 13.80 -23.88 -1.59
CA GLN B 125 13.78 -22.80 -2.55
C GLN B 125 13.82 -23.34 -3.98
N PRO B 126 12.94 -22.82 -4.84
CA PRO B 126 13.02 -23.16 -6.25
C PRO B 126 14.11 -22.36 -6.94
N LEU B 127 14.76 -22.97 -7.92
CA LEU B 127 15.74 -22.27 -8.70
C LEU B 127 15.02 -21.36 -9.67
N LEU B 128 15.39 -20.08 -9.66
CA LEU B 128 14.73 -19.08 -10.49
C LEU B 128 15.66 -18.59 -11.60
N LEU B 129 15.08 -17.84 -12.54
CA LEU B 129 15.85 -17.17 -13.59
C LEU B 129 15.71 -15.67 -13.44
N LEU B 130 16.81 -15.00 -13.09
CA LEU B 130 16.74 -13.62 -12.70
C LEU B 130 17.84 -12.77 -13.32
N PRO B 131 17.68 -11.43 -13.31
CA PRO B 131 18.67 -10.60 -13.97
C PRO B 131 20.08 -10.82 -13.42
N ASN B 132 21.07 -10.75 -14.31
CA ASN B 132 22.45 -10.76 -13.91
C ASN B 132 23.14 -9.49 -14.37
N PHE B 133 23.95 -8.92 -13.50
CA PHE B 133 24.73 -7.72 -13.78
C PHE B 133 26.24 -7.87 -13.63
N ASP B 134 26.70 -8.88 -12.91
CA ASP B 134 28.15 -9.06 -12.66
C ASP B 134 28.45 -10.45 -12.14
N ILE B 135 29.68 -10.72 -11.75
CA ILE B 135 30.07 -12.06 -11.32
C ILE B 135 30.16 -12.21 -9.80
N TYR B 136 29.53 -11.30 -9.07
CA TYR B 136 29.68 -11.20 -7.61
C TYR B 136 28.44 -11.58 -6.80
N ASN B 137 27.38 -11.99 -7.46
CA ASN B 137 26.14 -12.37 -6.82
C ASN B 137 26.23 -13.84 -6.32
N SER B 138 26.34 -13.99 -5.01
CA SER B 138 26.33 -15.30 -4.35
C SER B 138 25.15 -16.19 -4.73
N ASN B 139 23.98 -15.60 -4.90
CA ASN B 139 22.79 -16.37 -5.22
C ASN B 139 22.76 -16.92 -6.65
N GLN B 140 23.74 -16.54 -7.46
CA GLN B 140 23.91 -16.96 -8.84
C GLN B 140 25.18 -17.80 -9.07
N MET B 141 25.79 -18.29 -7.99
CA MET B 141 27.02 -19.07 -8.09
C MET B 141 26.70 -20.52 -7.83
N PHE B 142 27.08 -21.39 -8.76
CA PHE B 142 26.78 -22.79 -8.64
C PHE B 142 27.98 -23.66 -9.00
N LYS B 143 28.07 -24.79 -8.31
CA LYS B 143 29.16 -25.72 -8.51
C LYS B 143 28.70 -26.88 -9.37
N LEU B 144 29.53 -27.24 -10.34
CA LEU B 144 29.32 -28.37 -11.21
C LEU B 144 30.43 -29.37 -10.86
N GLU B 145 30.04 -30.51 -10.31
CA GLU B 145 30.99 -31.53 -9.85
C GLU B 145 30.88 -32.80 -10.65
N LYS B 146 31.98 -33.18 -11.31
CA LYS B 146 32.05 -34.41 -12.10
C LYS B 146 31.77 -35.66 -11.24
N ILE B 147 30.80 -36.47 -11.67
CA ILE B 147 30.38 -37.65 -10.89
C ILE B 147 29.25 -38.39 -11.60
N SER C 9 -1.99 -1.91 10.05
CA SER C 9 -3.20 -1.11 9.71
C SER C 9 -4.34 -2.00 9.24
N LEU C 10 -3.98 -3.12 8.61
CA LEU C 10 -4.94 -4.12 8.15
C LEU C 10 -5.04 -5.31 9.10
N ASN C 11 -4.29 -5.28 10.19
CA ASN C 11 -4.24 -6.36 11.14
C ASN C 11 -5.65 -6.75 11.61
N ASP C 12 -5.93 -8.05 11.59
CA ASP C 12 -7.21 -8.63 12.03
C ASP C 12 -8.43 -8.29 11.18
N LYS C 13 -8.26 -7.59 10.09
CA LYS C 13 -9.36 -7.38 9.18
C LYS C 13 -9.73 -8.69 8.50
N ILE C 14 -11.04 -8.91 8.39
CA ILE C 14 -11.58 -10.01 7.65
C ILE C 14 -11.94 -9.47 6.27
N VAL C 15 -11.35 -10.06 5.24
CA VAL C 15 -11.47 -9.54 3.88
C VAL C 15 -11.84 -10.64 2.89
N THR C 16 -12.31 -10.22 1.71
CA THR C 16 -12.29 -11.06 0.52
C THR C 16 -11.09 -10.63 -0.32
N ILE C 17 -10.63 -11.54 -1.16
CA ILE C 17 -9.55 -11.25 -2.08
C ILE C 17 -9.99 -11.69 -3.47
N SER C 18 -10.10 -10.74 -4.39
CA SER C 18 -10.53 -11.03 -5.78
C SER C 18 -9.49 -10.64 -6.80
N CYS C 19 -9.62 -11.19 -8.01
CA CYS C 19 -8.66 -10.98 -9.08
C CYS C 19 -8.91 -9.74 -9.91
N LYS C 20 -7.86 -8.92 -10.07
CA LYS C 20 -7.92 -7.78 -10.99
C LYS C 20 -8.14 -8.28 -12.43
N ALA C 21 -7.50 -9.40 -12.78
CA ALA C 21 -7.66 -9.96 -14.11
C ALA C 21 -9.09 -10.52 -14.34
N ASP C 22 -9.85 -10.78 -13.28
CA ASP C 22 -11.25 -11.17 -13.40
C ASP C 22 -11.93 -10.94 -12.05
N THR C 23 -12.63 -9.81 -11.94
CA THR C 23 -13.17 -9.35 -10.66
C THR C 23 -14.37 -10.18 -10.14
N ASN C 24 -14.81 -11.17 -10.90
CA ASN C 24 -15.81 -12.12 -10.42
C ASN C 24 -15.20 -13.36 -9.76
N LEU C 25 -13.88 -13.45 -9.69
CA LEU C 25 -13.25 -14.60 -9.08
C LEU C 25 -12.58 -14.19 -7.77
N PHE C 26 -12.89 -14.96 -6.73
CA PHE C 26 -12.46 -14.73 -5.35
C PHE C 26 -11.63 -15.91 -4.84
N PHE C 27 -10.66 -15.65 -3.95
CA PHE C 27 -9.95 -16.71 -3.26
C PHE C 27 -10.99 -17.54 -2.47
N TYR C 28 -11.02 -18.84 -2.73
CA TYR C 28 -12.00 -19.78 -2.18
C TYR C 28 -11.25 -20.96 -1.55
N GLN C 29 -11.76 -21.44 -0.43
CA GLN C 29 -11.04 -22.42 0.40
C GLN C 29 -11.98 -23.50 0.86
N VAL C 30 -11.57 -24.76 0.71
CA VAL C 30 -12.26 -25.90 1.34
C VAL C 30 -11.29 -27.04 1.58
N ALA C 31 -11.22 -27.50 2.83
CA ALA C 31 -10.46 -28.69 3.21
C ALA C 31 -9.02 -28.68 2.70
N GLY C 32 -8.39 -27.51 2.75
CA GLY C 32 -6.97 -27.40 2.39
C GLY C 32 -6.70 -26.99 0.96
N ASN C 33 -7.74 -26.96 0.13
CA ASN C 33 -7.58 -26.62 -1.28
C ASN C 33 -8.04 -25.21 -1.59
N VAL C 34 -7.12 -24.45 -2.16
CA VAL C 34 -7.39 -23.08 -2.53
C VAL C 34 -7.70 -23.02 -4.02
N SER C 35 -8.73 -22.28 -4.37
CA SER C 35 -9.13 -22.12 -5.77
C SER C 35 -9.71 -20.73 -6.01
N LEU C 36 -10.01 -20.41 -7.27
CA LEU C 36 -10.66 -19.16 -7.61
C LEU C 36 -12.09 -19.45 -8.08
N PHE C 37 -13.06 -18.76 -7.48
CA PHE C 37 -14.45 -19.14 -7.59
C PHE C 37 -15.33 -17.90 -7.51
N GLN C 38 -16.52 -18.00 -8.08
CA GLN C 38 -17.45 -16.89 -8.08
C GLN C 38 -17.82 -16.43 -6.66
N GLN C 39 -18.45 -15.27 -6.58
CA GLN C 39 -18.81 -14.66 -5.32
C GLN C 39 -19.80 -15.51 -4.51
N THR C 40 -19.44 -15.83 -3.25
CA THR C 40 -20.30 -16.63 -2.36
C THR C 40 -20.94 -15.85 -1.22
N ARG C 41 -20.45 -14.64 -0.96
CA ARG C 41 -20.87 -13.87 0.21
C ARG C 41 -20.93 -14.74 1.47
N ASN C 42 -19.87 -15.53 1.69
CA ASN C 42 -19.78 -16.34 2.91
C ASN C 42 -18.36 -16.68 3.29
N TYR C 43 -18.26 -17.45 4.37
CA TYR C 43 -16.98 -17.76 5.01
C TYR C 43 -15.97 -18.44 4.09
N LEU C 44 -16.44 -19.19 3.09
CA LEU C 44 -15.53 -19.86 2.16
C LEU C 44 -14.60 -18.90 1.41
N GLU C 45 -14.97 -17.63 1.31
CA GLU C 45 -14.15 -16.64 0.62
C GLU C 45 -13.71 -15.50 1.54
N ARG C 46 -13.76 -15.75 2.84
CA ARG C 46 -13.36 -14.77 3.83
C ARG C 46 -12.07 -15.16 4.50
N TRP C 47 -11.20 -14.17 4.69
CA TRP C 47 -9.85 -14.40 5.19
C TRP C 47 -9.50 -13.33 6.21
N ARG C 48 -8.86 -13.75 7.30
CA ARG C 48 -8.37 -12.80 8.29
C ARG C 48 -6.90 -12.53 8.05
N LEU C 49 -6.53 -11.25 7.97
CA LEU C 49 -5.14 -10.87 7.81
C LEU C 49 -4.51 -10.74 9.20
N ILE C 50 -3.42 -11.44 9.43
CA ILE C 50 -2.76 -11.43 10.73
C ILE C 50 -1.34 -10.87 10.55
N TYR C 51 -1.09 -9.72 11.16
CA TYR C 51 0.16 -9.01 10.92
C TYR C 51 1.22 -9.46 11.89
N ASP C 52 2.40 -9.80 11.39
CA ASP C 52 3.58 -9.94 12.25
C ASP C 52 4.50 -8.75 11.98
N SER C 53 4.64 -7.85 12.95
CA SER C 53 5.36 -6.60 12.75
C SER C 53 6.87 -6.75 12.59
N ASN C 54 7.48 -7.74 13.22
CA ASN C 54 8.91 -8.03 13.00
C ASN C 54 9.24 -8.36 11.56
N LYS C 55 8.39 -9.17 10.95
CA LYS C 55 8.54 -9.55 9.56
C LYS C 55 7.92 -8.53 8.61
N ALA C 56 7.07 -7.66 9.13
CA ALA C 56 6.31 -6.74 8.28
C ALA C 56 5.61 -7.50 7.17
N ALA C 57 4.96 -8.61 7.56
CA ALA C 57 4.30 -9.51 6.64
C ALA C 57 3.06 -10.11 7.31
N TYR C 58 2.18 -10.70 6.50
CA TYR C 58 0.87 -11.15 6.98
C TYR C 58 0.65 -12.64 6.76
N LYS C 59 0.06 -13.27 7.77
CA LYS C 59 -0.61 -14.52 7.53
C LYS C 59 -2.00 -14.23 6.98
N ILE C 60 -2.46 -15.12 6.12
CA ILE C 60 -3.79 -15.00 5.52
C ILE C 60 -4.58 -16.25 5.91
N LYS C 61 -5.43 -16.11 6.93
CA LYS C 61 -6.12 -17.22 7.58
C LYS C 61 -7.56 -17.37 7.08
N SER C 62 -7.93 -18.59 6.70
CA SER C 62 -9.28 -18.89 6.23
C SER C 62 -10.26 -18.80 7.40
N MET C 63 -11.45 -18.23 7.15
CA MET C 63 -12.51 -18.14 8.17
C MET C 63 -13.44 -19.37 8.16
N ASP C 64 -12.96 -20.47 7.59
CA ASP C 64 -13.65 -21.75 7.63
C ASP C 64 -14.15 -22.08 9.04
N ILE C 65 -15.44 -22.36 9.14
CA ILE C 65 -16.09 -22.72 10.42
C ILE C 65 -15.68 -24.10 10.94
N HIS C 66 -15.37 -25.04 10.03
CA HIS C 66 -15.05 -26.41 10.44
C HIS C 66 -13.60 -26.58 10.91
N ASN C 67 -12.63 -26.13 10.10
CA ASN C 67 -11.23 -26.01 10.57
C ASN C 67 -10.88 -24.55 10.72
N THR C 68 -10.53 -24.17 11.94
CA THR C 68 -10.26 -22.78 12.28
C THR C 68 -8.78 -22.40 12.20
N ASN C 69 -7.93 -23.34 11.81
CA ASN C 69 -6.47 -23.13 11.86
C ASN C 69 -5.72 -23.14 10.50
N LEU C 70 -6.42 -22.89 9.40
CA LEU C 70 -5.81 -22.99 8.07
C LEU C 70 -5.36 -21.63 7.54
N VAL C 71 -4.14 -21.58 7.00
CA VAL C 71 -3.60 -20.35 6.44
C VAL C 71 -3.00 -20.58 5.05
N LEU C 72 -3.04 -19.54 4.21
CA LEU C 72 -2.53 -19.63 2.86
C LEU C 72 -1.03 -19.94 2.88
N THR C 73 -0.66 -20.99 2.17
CA THR C 73 0.67 -21.58 2.28
C THR C 73 1.21 -21.82 0.89
N TRP C 74 2.48 -21.45 0.69
CA TRP C 74 3.20 -21.80 -0.51
C TRP C 74 3.95 -23.08 -0.29
N ASN C 75 3.60 -24.12 -1.04
CA ASN C 75 4.23 -25.43 -0.92
C ASN C 75 5.57 -25.41 -1.62
N ALA C 76 6.47 -24.57 -1.11
CA ALA C 76 7.81 -24.43 -1.67
C ALA C 76 8.45 -25.79 -1.68
N PRO C 77 9.15 -26.16 -2.77
CA PRO C 77 9.52 -25.33 -3.92
C PRO C 77 8.56 -25.38 -5.08
N THR C 78 7.40 -26.02 -4.94
CA THR C 78 6.49 -26.22 -6.08
C THR C 78 5.84 -24.93 -6.51
N HIS C 79 5.08 -24.99 -7.60
CA HIS C 79 4.28 -23.87 -8.05
C HIS C 79 2.92 -23.77 -7.32
N ASN C 80 2.68 -24.67 -6.38
CA ASN C 80 1.35 -24.81 -5.81
C ASN C 80 1.11 -24.00 -4.53
N ILE C 81 -0.12 -23.47 -4.44
CA ILE C 81 -0.60 -22.75 -3.27
C ILE C 81 -1.75 -23.54 -2.67
N SER C 82 -1.72 -23.68 -1.35
CA SER C 82 -2.79 -24.36 -0.61
C SER C 82 -3.04 -23.69 0.74
N THR C 83 -3.89 -24.30 1.56
CA THR C 83 -4.02 -23.92 2.94
C THR C 83 -3.57 -25.10 3.79
N GLN C 84 -2.77 -24.80 4.81
CA GLN C 84 -2.27 -25.79 5.73
C GLN C 84 -2.43 -25.26 7.15
N GLN C 85 -2.25 -26.14 8.12
CA GLN C 85 -2.21 -25.76 9.52
C GLN C 85 -1.14 -24.69 9.77
N ASP C 86 -1.51 -23.67 10.53
CA ASP C 86 -0.60 -22.58 10.89
C ASP C 86 0.52 -23.12 11.79
N SER C 87 1.75 -23.11 11.28
CA SER C 87 2.93 -23.41 12.10
C SER C 87 3.87 -22.21 12.06
N ASN C 88 3.31 -21.06 11.70
CA ASN C 88 4.06 -19.81 11.67
C ASN C 88 5.29 -19.87 10.80
N ALA C 89 5.19 -20.57 9.68
CA ALA C 89 6.35 -20.82 8.84
C ALA C 89 6.50 -19.70 7.81
N ASP C 90 7.72 -19.56 7.29
CA ASP C 90 8.04 -18.50 6.36
C ASP C 90 7.17 -18.57 5.10
N ASN C 91 6.83 -19.79 4.70
CA ASN C 91 5.99 -20.01 3.55
C ASN C 91 4.51 -19.78 3.81
N GLN C 92 4.17 -19.28 4.99
CA GLN C 92 2.81 -18.88 5.32
C GLN C 92 2.75 -17.40 5.68
N TYR C 93 3.79 -16.65 5.32
CA TYR C 93 3.79 -15.21 5.45
C TYR C 93 3.87 -14.54 4.08
N TRP C 94 3.23 -13.37 4.01
CA TRP C 94 2.96 -12.69 2.75
C TRP C 94 3.13 -11.20 2.93
N LEU C 95 3.75 -10.57 1.94
CA LEU C 95 3.89 -9.13 1.90
C LEU C 95 2.75 -8.56 1.07
N LEU C 96 2.02 -7.64 1.66
CA LEU C 96 0.90 -7.01 1.02
C LEU C 96 1.39 -5.67 0.50
N LEU C 97 1.65 -5.63 -0.79
CA LEU C 97 2.19 -4.46 -1.44
C LEU C 97 1.06 -3.82 -2.28
N LYS C 98 0.60 -2.65 -1.84
CA LYS C 98 -0.44 -1.92 -2.54
C LYS C 98 0.12 -1.05 -3.68
N ASP C 99 -0.28 -1.37 -4.90
CA ASP C 99 0.12 -0.59 -6.07
C ASP C 99 -0.71 0.70 -6.13
N ILE C 100 -0.14 1.80 -5.69
CA ILE C 100 -0.85 3.08 -5.57
C ILE C 100 -1.24 3.62 -6.95
N GLY C 101 -2.42 4.24 -7.01
CA GLY C 101 -3.01 4.68 -8.27
C GLY C 101 -3.88 3.59 -8.89
N ASN C 102 -3.37 2.37 -8.89
CA ASN C 102 -4.06 1.23 -9.47
C ASN C 102 -5.07 0.61 -8.49
N ASN C 103 -4.94 0.96 -7.22
CA ASN C 103 -5.79 0.44 -6.15
C ASN C 103 -5.89 -1.10 -6.11
N SER C 104 -4.77 -1.77 -6.30
CA SER C 104 -4.69 -3.21 -6.22
C SER C 104 -3.45 -3.63 -5.42
N PHE C 105 -3.38 -4.91 -5.09
CA PHE C 105 -2.30 -5.44 -4.28
C PHE C 105 -1.52 -6.47 -5.05
N ILE C 106 -0.20 -6.45 -4.82
CA ILE C 106 0.67 -7.56 -5.15
C ILE C 106 0.95 -8.27 -3.82
N ILE C 107 0.92 -9.59 -3.88
CA ILE C 107 1.03 -10.46 -2.72
C ILE C 107 2.24 -11.36 -2.89
N ALA C 108 3.33 -10.98 -2.25
CA ALA C 108 4.63 -11.61 -2.40
C ALA C 108 4.92 -12.55 -1.22
N SER C 109 5.53 -13.71 -1.51
CA SER C 109 5.91 -14.65 -0.46
C SER C 109 7.00 -14.04 0.42
N TYR C 110 6.79 -14.09 1.72
CA TYR C 110 7.87 -13.74 2.65
C TYR C 110 9.07 -14.69 2.47
N LYS C 111 8.81 -15.94 2.12
CA LYS C 111 9.87 -16.92 2.00
C LYS C 111 10.77 -16.60 0.81
N ASN C 112 10.16 -16.08 -0.26
CA ASN C 112 10.92 -15.64 -1.39
C ASN C 112 10.21 -14.49 -2.08
N PRO C 113 10.55 -13.25 -1.65
CA PRO C 113 9.88 -12.04 -2.11
C PRO C 113 9.96 -11.78 -3.59
N ASN C 114 10.76 -12.54 -4.32
CA ASN C 114 10.82 -12.47 -5.77
C ASN C 114 9.61 -13.13 -6.40
N LEU C 115 8.84 -13.89 -5.59
CA LEU C 115 7.72 -14.63 -6.08
C LEU C 115 6.45 -14.08 -5.48
N VAL C 116 5.45 -13.86 -6.35
CA VAL C 116 4.17 -13.31 -5.96
C VAL C 116 3.03 -14.19 -6.50
N LEU C 117 1.87 -14.06 -5.88
CA LEU C 117 0.72 -14.85 -6.27
C LEU C 117 0.31 -14.46 -7.67
N TYR C 118 -0.04 -15.48 -8.46
CA TYR C 118 -0.48 -15.33 -9.85
C TYR C 118 -1.77 -16.08 -10.02
N ALA C 119 -2.78 -15.36 -10.52
CA ALA C 119 -4.09 -15.92 -10.71
C ALA C 119 -4.21 -16.62 -12.07
N ASP C 120 -4.23 -17.95 -12.04
CA ASP C 120 -4.44 -18.74 -13.24
C ASP C 120 -5.94 -18.91 -13.38
N THR C 121 -6.57 -17.95 -14.07
CA THR C 121 -8.01 -17.89 -14.14
C THR C 121 -8.62 -19.03 -14.96
N VAL C 122 -7.83 -19.60 -15.87
CA VAL C 122 -8.28 -20.70 -16.69
C VAL C 122 -8.31 -22.00 -15.87
N ALA C 123 -7.30 -22.23 -15.04
CA ALA C 123 -7.28 -23.40 -14.14
C ALA C 123 -8.07 -23.12 -12.86
N ARG C 124 -8.48 -21.88 -12.65
CA ARG C 124 -9.17 -21.45 -11.43
C ARG C 124 -8.36 -21.80 -10.15
N ASN C 125 -7.06 -21.55 -10.17
CA ASN C 125 -6.28 -21.67 -8.97
C ASN C 125 -5.15 -20.65 -8.94
N LEU C 126 -4.33 -20.73 -7.92
CA LEU C 126 -3.25 -19.80 -7.69
C LEU C 126 -1.90 -20.45 -7.99
N LYS C 127 -1.00 -19.66 -8.54
CA LYS C 127 0.35 -20.09 -8.83
C LYS C 127 1.29 -18.98 -8.36
N LEU C 128 2.55 -19.06 -8.77
CA LEU C 128 3.50 -18.02 -8.45
C LEU C 128 4.16 -17.47 -9.68
N SER C 129 4.66 -16.25 -9.56
CA SER C 129 5.43 -15.67 -10.64
C SER C 129 6.35 -14.62 -10.09
N THR C 130 7.42 -14.38 -10.82
CA THR C 130 8.22 -13.18 -10.59
C THR C 130 7.40 -11.98 -11.02
N LEU C 131 7.82 -10.82 -10.53
CA LEU C 131 7.08 -9.55 -10.73
C LEU C 131 7.02 -9.13 -12.19
N ASN C 132 5.87 -8.61 -12.60
CA ASN C 132 5.69 -8.15 -13.98
C ASN C 132 4.54 -7.14 -14.02
N ASN C 133 4.18 -6.64 -15.19
CA ASN C 133 3.10 -5.66 -15.24
C ASN C 133 1.74 -6.21 -15.57
N SER C 134 1.56 -7.52 -15.46
CA SER C 134 0.29 -8.10 -15.81
C SER C 134 -0.72 -8.00 -14.67
N ASN C 135 -1.98 -7.97 -15.03
CA ASN C 135 -3.06 -7.93 -14.07
C ASN C 135 -3.22 -9.24 -13.31
N TYR C 136 -2.58 -10.30 -13.78
CA TYR C 136 -2.73 -11.61 -13.21
C TYR C 136 -2.03 -11.75 -11.85
N ILE C 137 -1.13 -10.81 -11.53
CA ILE C 137 -0.54 -10.73 -10.18
C ILE C 137 -1.16 -9.65 -9.31
N LYS C 138 -2.21 -9.02 -9.81
CA LYS C 138 -2.84 -7.96 -9.06
C LYS C 138 -4.15 -8.42 -8.44
N PHE C 139 -4.41 -7.97 -7.22
CA PHE C 139 -5.53 -8.47 -6.45
C PHE C 139 -6.24 -7.36 -5.74
N ILE C 140 -7.52 -7.58 -5.50
CA ILE C 140 -8.36 -6.62 -4.84
C ILE C 140 -8.68 -7.17 -3.48
N ILE C 141 -8.23 -6.45 -2.46
CA ILE C 141 -8.44 -6.84 -1.08
C ILE C 141 -9.40 -5.85 -0.50
N GLU C 142 -10.50 -6.37 0.05
CA GLU C 142 -11.65 -5.58 0.40
C GLU C 142 -12.23 -6.13 1.72
N ASP C 143 -12.51 -5.25 2.66
CA ASP C 143 -13.35 -5.57 3.81
C ASP C 143 -14.58 -6.39 3.38
N TYR C 144 -14.81 -7.54 4.05
CA TYR C 144 -15.81 -8.50 3.55
C TYR C 144 -17.24 -7.97 3.45
N ILE C 145 -17.63 -7.08 4.36
CA ILE C 145 -18.96 -6.46 4.34
C ILE C 145 -19.15 -5.60 3.09
N ILE C 146 -18.15 -4.77 2.82
CA ILE C 146 -18.13 -3.95 1.61
C ILE C 146 -18.20 -4.87 0.39
N SER C 147 -17.39 -5.91 0.39
CA SER C 147 -17.36 -6.90 -0.70
C SER C 147 -18.74 -7.49 -0.97
N ASP C 148 -19.45 -7.88 0.08
CA ASP C 148 -20.74 -8.55 -0.08
C ASP C 148 -21.85 -7.59 -0.46
N LEU C 149 -21.79 -6.38 0.09
CA LEU C 149 -22.90 -5.45 -0.08
C LEU C 149 -22.81 -4.62 -1.36
N ASN C 150 -21.60 -4.37 -1.86
CA ASN C 150 -21.40 -3.47 -2.98
C ASN C 150 -21.94 -4.06 -4.27
N ASN C 151 -22.81 -3.32 -4.94
CA ASN C 151 -23.53 -3.82 -6.13
C ASN C 151 -24.46 -5.00 -5.84
N PHE C 152 -24.87 -5.13 -4.58
CA PHE C 152 -25.81 -6.16 -4.17
C PHE C 152 -27.21 -5.56 -4.27
N THR C 153 -28.08 -6.25 -5.00
CA THR C 153 -29.49 -5.88 -5.01
C THR C 153 -30.24 -6.66 -3.95
N CYS C 154 -30.94 -5.95 -3.07
CA CYS C 154 -31.45 -6.55 -1.84
C CYS C 154 -32.86 -6.09 -1.53
N LYS C 155 -33.46 -6.73 -0.54
CA LYS C 155 -34.66 -6.21 0.11
C LYS C 155 -34.31 -5.95 1.56
N ILE C 156 -34.86 -4.88 2.11
CA ILE C 156 -34.54 -4.46 3.47
C ILE C 156 -35.76 -4.67 4.37
N SER C 157 -35.64 -5.64 5.28
CA SER C 157 -36.71 -5.99 6.21
C SER C 157 -36.34 -5.64 7.65
N PRO C 158 -37.27 -5.00 8.39
CA PRO C 158 -37.01 -4.76 9.81
C PRO C 158 -36.98 -6.06 10.61
N ILE C 159 -36.24 -6.08 11.71
CA ILE C 159 -36.20 -7.25 12.60
C ILE C 159 -37.60 -7.57 13.14
N LEU C 160 -38.43 -6.54 13.35
CA LEU C 160 -39.78 -6.72 13.91
C LEU C 160 -40.76 -7.47 12.99
N ASP C 161 -40.67 -7.26 11.68
CA ASP C 161 -41.48 -8.03 10.71
C ASP C 161 -40.68 -8.34 9.44
N LEU C 162 -40.39 -9.63 9.26
CA LEU C 162 -39.56 -10.08 8.13
C LEU C 162 -40.34 -10.19 6.83
N ASN C 163 -41.60 -10.61 6.89
CA ASN C 163 -42.45 -10.70 5.69
C ASN C 163 -42.76 -9.33 5.06
N LYS C 164 -42.34 -8.23 5.68
CA LYS C 164 -42.46 -6.90 5.10
C LYS C 164 -41.10 -6.30 4.81
N VAL C 165 -41.08 -5.21 4.06
CA VAL C 165 -39.83 -4.58 3.60
C VAL C 165 -39.97 -3.08 3.40
N VAL C 166 -38.84 -2.41 3.30
CA VAL C 166 -38.81 -0.98 3.05
C VAL C 166 -39.00 -0.73 1.57
N GLN C 167 -39.93 0.17 1.22
CA GLN C 167 -40.22 0.45 -0.19
C GLN C 167 -40.45 1.91 -0.52
N GLN C 168 -40.07 2.28 -1.74
CA GLN C 168 -40.56 3.48 -2.40
C GLN C 168 -41.98 3.19 -2.87
N VAL C 169 -42.86 4.19 -2.83
CA VAL C 169 -44.29 3.99 -3.10
C VAL C 169 -44.56 3.65 -4.58
N ASP C 170 -44.06 4.49 -5.48
CA ASP C 170 -44.09 4.17 -6.91
C ASP C 170 -43.11 5.07 -7.68
N VAL C 171 -43.09 4.95 -9.00
CA VAL C 171 -42.15 5.68 -9.84
C VAL C 171 -42.29 7.21 -9.75
N THR C 172 -43.49 7.69 -9.43
CA THR C 172 -43.73 9.14 -9.28
C THR C 172 -43.77 9.60 -7.82
N ASN C 173 -44.42 8.84 -6.94
CA ASN C 173 -44.41 9.13 -5.51
C ASN C 173 -43.11 8.63 -4.89
N LEU C 174 -42.22 9.55 -4.55
CA LEU C 174 -40.88 9.22 -4.05
C LEU C 174 -40.79 8.99 -2.54
N ASN C 175 -41.92 8.94 -1.83
CA ASN C 175 -41.90 8.63 -0.40
C ASN C 175 -41.61 7.16 -0.12
N VAL C 176 -41.17 6.85 1.11
CA VAL C 176 -40.75 5.49 1.47
C VAL C 176 -41.43 5.01 2.76
N ASN C 177 -41.99 3.81 2.70
CA ASN C 177 -42.75 3.24 3.82
C ASN C 177 -42.50 1.75 3.96
N LEU C 178 -43.16 1.13 4.94
CA LEU C 178 -43.15 -0.31 5.09
C LEU C 178 -44.34 -0.92 4.36
N TYR C 179 -44.11 -1.99 3.62
CA TYR C 179 -45.19 -2.73 2.94
C TYR C 179 -44.81 -4.19 2.78
N THR C 180 -45.81 -5.06 2.79
CA THR C 180 -45.60 -6.49 2.62
C THR C 180 -44.85 -6.75 1.31
N TRP C 181 -44.02 -7.79 1.33
CA TRP C 181 -43.16 -8.13 0.20
C TRP C 181 -44.01 -8.69 -0.93
N ASP C 182 -43.86 -8.11 -2.13
CA ASP C 182 -44.59 -8.58 -3.31
C ASP C 182 -43.70 -8.68 -4.56
N TYR C 183 -42.38 -8.66 -4.35
CA TYR C 183 -41.35 -8.76 -5.40
C TYR C 183 -41.29 -7.56 -6.36
N GLY C 184 -41.97 -6.47 -6.04
CA GLY C 184 -41.95 -5.28 -6.90
C GLY C 184 -40.59 -4.64 -6.88
N ARG C 185 -40.25 -3.95 -7.97
CA ARG C 185 -38.93 -3.31 -8.09
C ARG C 185 -38.82 -2.08 -7.20
N ASN C 186 -39.94 -1.46 -6.89
CA ASN C 186 -40.00 -0.42 -5.85
C ASN C 186 -39.67 -0.94 -4.43
N GLN C 187 -39.60 -2.26 -4.28
CA GLN C 187 -39.26 -2.90 -3.01
C GLN C 187 -37.84 -3.48 -3.01
N LYS C 188 -37.03 -3.11 -3.99
CA LYS C 188 -35.66 -3.61 -4.09
C LYS C 188 -34.65 -2.47 -4.28
N TRP C 189 -33.48 -2.66 -3.68
CA TRP C 189 -32.46 -1.63 -3.53
C TRP C 189 -31.11 -2.18 -3.94
N THR C 190 -30.41 -1.47 -4.83
CA THR C 190 -29.06 -1.82 -5.23
C THR C 190 -28.08 -0.93 -4.47
N ILE C 191 -27.25 -1.58 -3.66
CA ILE C 191 -26.30 -0.89 -2.79
C ILE C 191 -25.03 -0.59 -3.58
N ARG C 192 -24.61 0.68 -3.55
CA ARG C 192 -23.34 1.12 -4.13
C ARG C 192 -22.45 1.73 -3.02
N TYR C 193 -21.23 1.24 -2.89
CA TYR C 193 -20.26 1.82 -1.96
C TYR C 193 -19.49 2.93 -2.65
N ASN C 194 -19.39 4.09 -1.99
CA ASN C 194 -18.56 5.21 -2.46
C ASN C 194 -17.23 5.24 -1.71
N GLU C 195 -16.18 4.83 -2.41
CA GLU C 195 -14.83 4.74 -1.83
C GLU C 195 -14.30 6.11 -1.44
N GLU C 196 -14.67 7.14 -2.19
CA GLU C 196 -14.25 8.50 -1.88
C GLU C 196 -14.81 8.93 -0.53
N LYS C 197 -16.05 8.54 -0.27
CA LYS C 197 -16.80 9.00 0.91
C LYS C 197 -16.93 7.96 2.03
N ALA C 198 -16.37 6.77 1.81
CA ALA C 198 -16.43 5.66 2.78
C ALA C 198 -17.85 5.43 3.30
N ALA C 199 -18.80 5.39 2.37
CA ALA C 199 -20.21 5.21 2.74
C ALA C 199 -21.02 4.69 1.55
N TYR C 200 -22.22 4.20 1.84
CA TYR C 200 -23.05 3.54 0.85
C TYR C 200 -24.20 4.41 0.36
N GLN C 201 -24.71 4.06 -0.82
CA GLN C 201 -25.98 4.59 -1.34
C GLN C 201 -26.94 3.45 -1.66
N PHE C 202 -28.23 3.67 -1.42
CA PHE C 202 -29.28 2.71 -1.78
C PHE C 202 -30.06 3.19 -2.99
N PHE C 203 -29.88 2.53 -4.13
CA PHE C 203 -30.58 2.87 -5.37
C PHE C 203 -31.85 2.02 -5.55
N ASN C 204 -33.02 2.67 -5.54
CA ASN C 204 -34.27 1.93 -5.75
C ASN C 204 -34.36 1.47 -7.22
N THR C 205 -34.67 0.20 -7.44
CA THR C 205 -34.63 -0.36 -8.79
C THR C 205 -35.76 0.08 -9.71
N ILE C 206 -36.79 0.75 -9.19
CA ILE C 206 -37.83 1.31 -10.06
C ILE C 206 -37.37 2.59 -10.79
N LEU C 207 -36.35 3.25 -10.25
CA LEU C 207 -35.76 4.44 -10.88
C LEU C 207 -34.35 4.14 -11.37
N SER C 208 -33.75 5.09 -12.08
CA SER C 208 -32.38 4.96 -12.56
C SER C 208 -31.38 5.57 -11.57
N ASN C 209 -31.67 6.78 -11.09
CA ASN C 209 -30.79 7.50 -10.16
C ASN C 209 -31.53 8.02 -8.93
N GLY C 210 -32.39 7.18 -8.35
CA GLY C 210 -33.10 7.55 -7.13
C GLY C 210 -32.49 6.87 -5.92
N VAL C 211 -31.96 7.65 -4.98
CA VAL C 211 -31.25 7.10 -3.82
C VAL C 211 -31.98 7.39 -2.51
N LEU C 212 -31.92 6.45 -1.57
CA LEU C 212 -32.50 6.65 -0.25
C LEU C 212 -31.76 7.82 0.38
N THR C 213 -32.51 8.82 0.85
CA THR C 213 -31.91 10.05 1.35
C THR C 213 -32.66 10.60 2.56
N TRP C 214 -31.92 11.21 3.48
CA TRP C 214 -32.50 11.85 4.66
C TRP C 214 -32.80 13.32 4.35
N ILE C 215 -34.08 13.63 4.16
CA ILE C 215 -34.50 15.00 3.85
C ILE C 215 -34.31 15.86 5.11
N PHE C 216 -33.08 16.32 5.31
CA PHE C 216 -32.74 17.01 6.54
C PHE C 216 -33.61 18.26 6.65
N SER C 217 -33.85 18.91 5.52
CA SER C 217 -34.60 20.16 5.53
C SER C 217 -36.09 19.98 5.87
N ASN C 218 -36.46 18.80 6.38
CA ASN C 218 -37.82 18.54 6.83
C ASN C 218 -37.82 17.48 7.93
N GLY C 219 -37.04 17.74 8.98
CA GLY C 219 -36.99 16.88 10.16
C GLY C 219 -36.45 15.49 9.88
N ASN C 220 -37.20 14.48 10.31
CA ASN C 220 -36.79 13.07 10.21
C ASN C 220 -37.25 12.34 8.95
N THR C 221 -37.88 13.07 8.03
CA THR C 221 -38.45 12.49 6.82
C THR C 221 -37.36 11.99 5.88
N VAL C 222 -37.45 10.73 5.47
CA VAL C 222 -36.55 10.18 4.46
C VAL C 222 -37.37 9.81 3.22
N ARG C 223 -36.89 10.20 2.05
CA ARG C 223 -37.53 9.90 0.77
C ARG C 223 -36.41 9.41 -0.17
N VAL C 224 -36.71 9.25 -1.46
CA VAL C 224 -35.63 9.09 -2.45
C VAL C 224 -35.61 10.32 -3.35
N SER C 225 -34.41 10.80 -3.67
CA SER C 225 -34.21 11.92 -4.58
C SER C 225 -33.12 11.52 -5.55
N SER C 226 -32.87 12.36 -6.54
CA SER C 226 -31.83 12.12 -7.54
C SER C 226 -30.43 12.16 -6.92
N SER C 227 -29.54 11.33 -7.45
CA SER C 227 -28.17 11.21 -6.98
C SER C 227 -27.23 12.13 -7.77
N ASN C 228 -27.82 12.96 -8.63
CA ASN C 228 -27.06 13.79 -9.56
C ASN C 228 -26.12 14.79 -8.91
N ASP C 229 -26.55 15.41 -7.80
CA ASP C 229 -25.73 16.44 -7.17
C ASP C 229 -24.40 15.87 -6.72
N GLN C 230 -23.32 16.62 -6.98
CA GLN C 230 -21.97 16.14 -6.72
C GLN C 230 -21.64 15.86 -5.25
N ASN C 231 -22.06 16.74 -4.36
CA ASN C 231 -21.75 16.57 -2.94
C ASN C 231 -22.97 16.56 -2.01
N ASN C 232 -23.07 15.51 -1.21
CA ASN C 232 -24.11 15.42 -0.19
C ASN C 232 -23.71 14.43 0.91
N ASP C 233 -24.33 14.58 2.09
CA ASP C 233 -24.18 13.64 3.20
C ASP C 233 -25.49 12.91 3.59
N ALA C 234 -26.64 13.48 3.26
CA ALA C 234 -27.94 12.86 3.50
C ALA C 234 -28.20 11.66 2.58
N GLN C 235 -27.67 11.72 1.35
CA GLN C 235 -27.78 10.63 0.36
C GLN C 235 -27.01 9.35 0.75
N TYR C 236 -26.12 9.45 1.73
CA TYR C 236 -25.21 8.36 2.07
C TYR C 236 -25.46 7.80 3.46
N TRP C 237 -25.09 6.53 3.63
CA TRP C 237 -25.36 5.79 4.84
C TRP C 237 -24.20 4.87 5.20
N LEU C 238 -24.13 4.49 6.46
CA LEU C 238 -23.15 3.55 6.94
C LEU C 238 -23.90 2.30 7.39
N ILE C 239 -23.37 1.14 7.02
CA ILE C 239 -24.00 -0.13 7.30
C ILE C 239 -23.11 -0.94 8.22
N ASN C 240 -23.63 -1.25 9.41
CA ASN C 240 -22.86 -1.85 10.48
C ASN C 240 -23.45 -3.16 10.95
N PRO C 241 -22.65 -4.24 10.95
CA PRO C 241 -23.19 -5.56 11.28
C PRO C 241 -23.42 -5.77 12.78
N VAL C 242 -24.62 -6.19 13.14
CA VAL C 242 -24.92 -6.61 14.51
C VAL C 242 -24.21 -7.94 14.74
N SER C 243 -23.43 -8.03 15.82
CA SER C 243 -22.60 -9.21 16.09
C SER C 243 -23.44 -10.43 16.45
N ASP C 244 -22.94 -11.61 16.12
CA ASP C 244 -23.68 -12.84 16.38
C ASP C 244 -24.74 -13.11 15.31
N THR C 245 -24.78 -12.27 14.28
CA THR C 245 -25.71 -12.47 13.15
C THR C 245 -24.96 -12.49 11.82
N ASP C 246 -25.56 -13.15 10.83
CA ASP C 246 -25.00 -13.21 9.47
C ASP C 246 -25.68 -12.31 8.42
N GLU C 247 -26.81 -11.70 8.75
CA GLU C 247 -27.50 -10.80 7.82
C GLU C 247 -28.18 -9.53 8.41
N THR C 248 -27.97 -9.25 9.70
CA THR C 248 -28.58 -8.08 10.35
C THR C 248 -27.59 -6.90 10.48
N TYR C 249 -28.12 -5.68 10.32
CA TYR C 249 -27.32 -4.46 10.39
C TYR C 249 -28.13 -3.30 10.94
N THR C 250 -27.42 -2.24 11.33
CA THR C 250 -28.02 -0.95 11.59
C THR C 250 -27.58 -0.03 10.46
N ILE C 251 -28.37 1.00 10.17
CA ILE C 251 -28.09 1.86 9.04
C ILE C 251 -28.15 3.33 9.46
N THR C 252 -26.99 3.93 9.63
CA THR C 252 -26.85 5.29 10.14
C THR C 252 -26.50 6.27 9.02
N ASN C 253 -26.94 7.51 9.14
CA ASN C 253 -26.73 8.51 8.08
C ASN C 253 -25.35 9.16 8.17
N LEU C 254 -24.74 9.45 7.02
CA LEU C 254 -23.39 10.02 6.96
C LEU C 254 -23.31 11.45 7.47
N ARG C 255 -24.34 12.24 7.18
CA ARG C 255 -24.43 13.62 7.66
C ARG C 255 -24.33 13.69 9.17
N ASP C 256 -25.11 12.84 9.85
CA ASP C 256 -25.12 12.77 11.29
C ASP C 256 -25.27 11.31 11.70
N THR C 257 -24.17 10.70 12.12
CA THR C 257 -24.13 9.25 12.40
C THR C 257 -24.90 8.83 13.66
N THR C 258 -25.40 9.81 14.42
CA THR C 258 -26.31 9.53 15.53
C THR C 258 -27.73 9.22 15.02
N LYS C 259 -28.01 9.62 13.78
CA LYS C 259 -29.31 9.37 13.20
C LYS C 259 -29.28 8.03 12.48
N ALA C 260 -30.09 7.10 12.98
CA ALA C 260 -30.24 5.77 12.37
C ALA C 260 -31.57 5.61 11.65
N LEU C 261 -31.63 4.63 10.74
CA LEU C 261 -32.86 4.30 10.01
C LEU C 261 -33.87 3.67 10.97
N ASP C 262 -35.08 4.24 11.02
CA ASP C 262 -36.04 3.91 12.07
C ASP C 262 -37.43 3.60 11.51
N LEU C 263 -37.99 2.48 11.98
CA LEU C 263 -39.36 2.08 11.69
C LEU C 263 -40.27 2.76 12.71
N TYR C 264 -41.09 3.68 12.24
CA TYR C 264 -41.89 4.56 13.10
C TYR C 264 -42.64 3.83 14.23
N GLY C 265 -42.18 4.03 15.46
CA GLY C 265 -42.85 3.50 16.65
C GLY C 265 -42.76 2.00 16.88
N GLY C 266 -42.08 1.29 15.98
CA GLY C 266 -42.07 -0.18 16.01
C GLY C 266 -43.34 -0.79 15.46
N GLN C 267 -44.15 0.01 14.76
CA GLN C 267 -45.40 -0.46 14.17
C GLN C 267 -45.09 -1.25 12.90
N THR C 268 -45.61 -2.46 12.81
CA THR C 268 -45.40 -3.31 11.64
C THR C 268 -46.61 -3.30 10.70
N ALA C 269 -47.38 -2.23 10.71
CA ALA C 269 -48.56 -2.10 9.85
C ALA C 269 -48.16 -1.57 8.46
N ASN C 270 -48.85 -2.03 7.42
CA ASN C 270 -48.64 -1.53 6.05
C ASN C 270 -48.78 -0.01 6.01
N GLY C 271 -47.81 0.67 5.39
CA GLY C 271 -47.82 2.12 5.33
C GLY C 271 -47.07 2.81 6.46
N THR C 272 -46.68 2.07 7.50
CA THR C 272 -45.88 2.63 8.57
C THR C 272 -44.70 3.42 7.99
N ALA C 273 -44.32 4.50 8.67
CA ALA C 273 -43.29 5.40 8.16
C ALA C 273 -41.88 4.83 8.40
N ILE C 274 -40.96 5.20 7.52
CA ILE C 274 -39.54 4.96 7.76
C ILE C 274 -38.82 6.30 7.78
N GLN C 275 -38.14 6.59 8.88
CA GLN C 275 -37.42 7.84 9.02
C GLN C 275 -36.20 7.70 9.93
N VAL C 276 -35.21 8.58 9.74
CA VAL C 276 -34.06 8.58 10.63
C VAL C 276 -34.45 9.03 12.03
N PHE C 277 -33.92 8.36 13.04
CA PHE C 277 -34.18 8.70 14.43
C PHE C 277 -32.92 8.51 15.25
N ASN C 278 -32.80 9.25 16.35
CA ASN C 278 -31.64 9.09 17.22
C ASN C 278 -31.36 7.61 17.56
N TYR C 279 -30.09 7.21 17.41
CA TYR C 279 -29.70 5.82 17.62
C TYR C 279 -29.88 5.37 19.07
N HIS C 280 -30.76 4.38 19.26
CA HIS C 280 -30.95 3.72 20.54
C HIS C 280 -30.56 2.24 20.51
N GLY C 281 -30.42 1.68 19.31
CA GLY C 281 -30.06 0.27 19.15
C GLY C 281 -31.19 -0.70 19.42
N ASP C 282 -32.42 -0.19 19.56
CA ASP C 282 -33.59 -1.04 19.80
C ASP C 282 -34.00 -1.77 18.51
N ASP C 283 -34.93 -2.72 18.65
CA ASP C 283 -35.30 -3.62 17.55
C ASP C 283 -35.88 -2.92 16.31
N ASN C 284 -36.50 -1.74 16.50
CA ASN C 284 -37.03 -0.96 15.38
C ASN C 284 -35.97 -0.16 14.62
N GLN C 285 -34.70 -0.37 14.96
CA GLN C 285 -33.57 0.23 14.24
C GLN C 285 -32.63 -0.85 13.69
N LYS C 286 -33.07 -2.10 13.69
CA LYS C 286 -32.28 -3.21 13.15
C LYS C 286 -32.94 -3.78 11.90
N TRP C 287 -32.12 -3.98 10.87
CA TRP C 287 -32.60 -4.31 9.55
C TRP C 287 -31.89 -5.54 8.98
N ASN C 288 -32.68 -6.48 8.50
CA ASN C 288 -32.18 -7.60 7.73
C ASN C 288 -32.02 -7.15 6.28
N ILE C 289 -30.80 -7.26 5.74
CA ILE C 289 -30.55 -6.98 4.33
C ILE C 289 -30.39 -8.34 3.68
N ARG C 290 -31.31 -8.66 2.78
CA ARG C 290 -31.44 -10.01 2.25
C ARG C 290 -31.39 -10.06 0.74
N ASN C 291 -30.99 -11.23 0.24
CA ASN C 291 -31.16 -11.56 -1.16
C ASN C 291 -32.67 -11.67 -1.46
N PRO C 292 -33.13 -11.12 -2.59
CA PRO C 292 -34.54 -11.34 -2.95
C PRO C 292 -34.75 -12.79 -3.41
N PRO C 293 -35.74 -13.50 -2.84
CA PRO C 293 -36.02 -14.84 -3.36
C PRO C 293 -36.67 -14.77 -4.74
#